data_1M6F
# 
_entry.id   1M6F 
# 
_audit_conform.dict_name       mmcif_pdbx.dic 
_audit_conform.dict_version    5.389 
_audit_conform.dict_location   http://mmcif.pdb.org/dictionaries/ascii/mmcif_pdbx.dic 
# 
loop_
_database_2.database_id 
_database_2.database_code 
_database_2.pdbx_database_accession 
_database_2.pdbx_DOI 
PDB   1M6F         pdb_00001m6f 10.2210/pdb1m6f/pdb 
NDB   DD0052       ?            ?                   
RCSB  RCSB016655   ?            ?                   
WWPDB D_1000016655 ?            ?                   
# 
loop_
_pdbx_audit_revision_history.ordinal 
_pdbx_audit_revision_history.data_content_type 
_pdbx_audit_revision_history.major_revision 
_pdbx_audit_revision_history.minor_revision 
_pdbx_audit_revision_history.revision_date 
1 'Structure model' 1 0 2002-11-15 
2 'Structure model' 1 1 2008-04-28 
3 'Structure model' 1 2 2011-07-13 
4 'Structure model' 1 3 2017-10-11 
5 'Structure model' 1 4 2024-02-14 
6 'Structure model' 1 5 2024-04-03 
# 
_pdbx_audit_revision_details.ordinal             1 
_pdbx_audit_revision_details.revision_ordinal    1 
_pdbx_audit_revision_details.data_content_type   'Structure model' 
_pdbx_audit_revision_details.provider            repository 
_pdbx_audit_revision_details.type                'Initial release' 
_pdbx_audit_revision_details.description         ? 
_pdbx_audit_revision_details.details             ? 
# 
loop_
_pdbx_audit_revision_group.ordinal 
_pdbx_audit_revision_group.revision_ordinal 
_pdbx_audit_revision_group.data_content_type 
_pdbx_audit_revision_group.group 
1 2 'Structure model' 'Version format compliance' 
2 3 'Structure model' 'Version format compliance' 
3 4 'Structure model' 'Refinement description'    
4 5 'Structure model' 'Data collection'           
5 5 'Structure model' 'Database references'       
6 5 'Structure model' 'Derived calculations'      
7 5 'Structure model' 'Structure summary'         
8 6 'Structure model' 'Refinement description'    
# 
loop_
_pdbx_audit_revision_category.ordinal 
_pdbx_audit_revision_category.revision_ordinal 
_pdbx_audit_revision_category.data_content_type 
_pdbx_audit_revision_category.category 
1 4 'Structure model' software                      
2 5 'Structure model' chem_comp                     
3 5 'Structure model' chem_comp_atom                
4 5 'Structure model' chem_comp_bond                
5 5 'Structure model' database_2                    
6 5 'Structure model' pdbx_struct_conn_angle        
7 5 'Structure model' struct_conn                   
8 5 'Structure model' struct_site                   
9 6 'Structure model' pdbx_initial_refinement_model 
# 
loop_
_pdbx_audit_revision_item.ordinal 
_pdbx_audit_revision_item.revision_ordinal 
_pdbx_audit_revision_item.data_content_type 
_pdbx_audit_revision_item.item 
1  5 'Structure model' '_chem_comp.pdbx_synonyms'                    
2  5 'Structure model' '_database_2.pdbx_DOI'                        
3  5 'Structure model' '_database_2.pdbx_database_accession'         
4  5 'Structure model' '_pdbx_struct_conn_angle.ptnr1_auth_asym_id'  
5  5 'Structure model' '_pdbx_struct_conn_angle.ptnr1_auth_seq_id'   
6  5 'Structure model' '_pdbx_struct_conn_angle.ptnr1_label_asym_id' 
7  5 'Structure model' '_pdbx_struct_conn_angle.ptnr3_auth_asym_id'  
8  5 'Structure model' '_pdbx_struct_conn_angle.ptnr3_auth_seq_id'   
9  5 'Structure model' '_pdbx_struct_conn_angle.ptnr3_label_asym_id' 
10 5 'Structure model' '_pdbx_struct_conn_angle.value'               
11 5 'Structure model' '_struct_conn.pdbx_dist_value'                
12 5 'Structure model' '_struct_conn.ptnr2_auth_asym_id'             
13 5 'Structure model' '_struct_conn.ptnr2_auth_seq_id'              
14 5 'Structure model' '_struct_conn.ptnr2_label_asym_id'            
15 5 'Structure model' '_struct_site.pdbx_auth_asym_id'              
16 5 'Structure model' '_struct_site.pdbx_auth_comp_id'              
17 5 'Structure model' '_struct_site.pdbx_auth_seq_id'               
# 
_pdbx_database_status.status_code                     REL 
_pdbx_database_status.entry_id                        1M6F 
_pdbx_database_status.recvd_initial_deposition_date   2002-07-16 
_pdbx_database_status.deposit_site                    RCSB 
_pdbx_database_status.process_site                    RCSB 
_pdbx_database_status.status_code_sf                  REL 
_pdbx_database_status.SG_entry                        . 
_pdbx_database_status.pdb_format_compatible           Y 
_pdbx_database_status.status_code_mr                  ? 
_pdbx_database_status.status_code_cs                  ? 
_pdbx_database_status.methods_development_category    ? 
_pdbx_database_status.status_code_nmr_data            ? 
# 
loop_
_audit_author.name 
_audit_author.pdbx_ordinal 
'Nguyen, B.'    1 
'Lee, M.P.H.'   2 
'Hamelberg, D.' 3 
'Joubert, A.'   4 
'Bailly, C.'    5 
'Brun, R.'      6 
'Neidle, S.'    7 
'Wilson, W.D.'  8 
# 
_citation.id                        primary 
_citation.title                     
'Strong Binding in the DNA Minor Groove by an Aromatic Diamidine With a Shape That Does Not Match the Curvature of the Groove' 
_citation.journal_abbrev            J.Am.Chem.Soc. 
_citation.journal_volume            124 
_citation.page_first                13680 
_citation.page_last                 13681 
_citation.year                      2002 
_citation.journal_id_ASTM           JACSAT 
_citation.country                   US 
_citation.journal_id_ISSN           0002-7863 
_citation.journal_id_CSD            0004 
_citation.book_publisher            ? 
_citation.pdbx_database_id_PubMed   12431090 
_citation.pdbx_database_id_DOI      10.1021/ja027953c 
# 
loop_
_citation_author.citation_id 
_citation_author.name 
_citation_author.ordinal 
_citation_author.identifier_ORCID 
primary 'Nguyen, B.'    1 ? 
primary 'Lee, M.P.H.'   2 ? 
primary 'Hamelberg, D.' 3 ? 
primary 'Joubert, A.'   4 ? 
primary 'Bailly, C.'    5 ? 
primary 'Brun, R.'      6 ? 
primary 'Neidle, S.'    7 ? 
primary 'Wilson, W.D.'  8 ? 
# 
loop_
_entity.id 
_entity.type 
_entity.src_method 
_entity.pdbx_description 
_entity.formula_weight 
_entity.pdbx_number_of_molecules 
_entity.pdbx_ec 
_entity.pdbx_mutation 
_entity.pdbx_fragment 
_entity.details 
1 polymer     syn 
;DNA (5'-D(*CP*GP*CP*GP*AP*AP*TP*TP*CP*GP*CP*G)-3')
;
3663.392 2   ? ? ? ? 
2 non-polymer syn 'MAGNESIUM ION'                                                                                              
24.305   1   ? ? ? ? 
3 non-polymer syn "3-[C-[N'-(3-CARBAMIMIDOYL-BENZYLIDENIUM)-HYDRAZINO]-[[AMINOMETHYLIDENE]AMINIUM]-IMINOMETHYL]-BENZAMIDINIUM" 
352.417  1   ? ? ? ? 
4 water       nat water                                                                                                        
18.015   117 ? ? ? ? 
# 
_entity_poly.entity_id                      1 
_entity_poly.type                           polydeoxyribonucleotide 
_entity_poly.nstd_linkage                   no 
_entity_poly.nstd_monomer                   no 
_entity_poly.pdbx_seq_one_letter_code       '(DC)(DG)(DC)(DG)(DA)(DA)(DT)(DT)(DC)(DG)(DC)(DG)' 
_entity_poly.pdbx_seq_one_letter_code_can   CGCGAATTCGCG 
_entity_poly.pdbx_strand_id                 A,B 
_entity_poly.pdbx_target_identifier         ? 
# 
loop_
_pdbx_entity_nonpoly.entity_id 
_pdbx_entity_nonpoly.name 
_pdbx_entity_nonpoly.comp_id 
2 'MAGNESIUM ION'                                                                                              MG  
3 "3-[C-[N'-(3-CARBAMIMIDOYL-BENZYLIDENIUM)-HYDRAZINO]-[[AMINOMETHYLIDENE]AMINIUM]-IMINOMETHYL]-BENZAMIDINIUM" CGQ 
4 water                                                                                                        HOH 
# 
loop_
_entity_poly_seq.entity_id 
_entity_poly_seq.num 
_entity_poly_seq.mon_id 
_entity_poly_seq.hetero 
1 1  DC n 
1 2  DG n 
1 3  DC n 
1 4  DG n 
1 5  DA n 
1 6  DA n 
1 7  DT n 
1 8  DT n 
1 9  DC n 
1 10 DG n 
1 11 DC n 
1 12 DG n 
# 
loop_
_chem_comp.id 
_chem_comp.type 
_chem_comp.mon_nstd_flag 
_chem_comp.name 
_chem_comp.pdbx_synonyms 
_chem_comp.formula 
_chem_comp.formula_weight 
CGQ non-polymer   . "3-[C-[N'-(3-CARBAMIMIDOYL-BENZYLIDENIUM)-HYDRAZINO]-[[AMINOMETHYLIDENE]AMINIUM]-IMINOMETHYL]-BENZAMIDINIUM" 
'CGP40215A; BIS[[3-(AMINOIMINOMETHYL)PHENYL]METHYLENE] CARBONIMIDIC DIHYDRAZIDE' 'C17 H22 N9 3'    352.417 
DA  'DNA linking' y "2'-DEOXYADENOSINE-5'-MONOPHOSPHATE"                                                                         ? 
'C10 H14 N5 O6 P' 331.222 
DC  'DNA linking' y "2'-DEOXYCYTIDINE-5'-MONOPHOSPHATE"                                                                          ? 
'C9 H14 N3 O7 P'  307.197 
DG  'DNA linking' y "2'-DEOXYGUANOSINE-5'-MONOPHOSPHATE"                                                                         ? 
'C10 H14 N5 O7 P' 347.221 
DT  'DNA linking' y "THYMIDINE-5'-MONOPHOSPHATE"                                                                                 ? 
'C10 H15 N2 O8 P' 322.208 
HOH non-polymer   . WATER                                                                                                        ? 
'H2 O'            18.015  
MG  non-polymer   . 'MAGNESIUM ION'                                                                                              ? 
'Mg 2'            24.305  
# 
loop_
_pdbx_poly_seq_scheme.asym_id 
_pdbx_poly_seq_scheme.entity_id 
_pdbx_poly_seq_scheme.seq_id 
_pdbx_poly_seq_scheme.mon_id 
_pdbx_poly_seq_scheme.ndb_seq_num 
_pdbx_poly_seq_scheme.pdb_seq_num 
_pdbx_poly_seq_scheme.auth_seq_num 
_pdbx_poly_seq_scheme.pdb_mon_id 
_pdbx_poly_seq_scheme.auth_mon_id 
_pdbx_poly_seq_scheme.pdb_strand_id 
_pdbx_poly_seq_scheme.pdb_ins_code 
_pdbx_poly_seq_scheme.hetero 
A 1 1  DC 1  1001 1001 DC C A . n 
A 1 2  DG 2  1002 1002 DG G A . n 
A 1 3  DC 3  1003 1003 DC C A . n 
A 1 4  DG 4  1004 1004 DG G A . n 
A 1 5  DA 5  1005 1005 DA A A . n 
A 1 6  DA 6  1006 1006 DA A A . n 
A 1 7  DT 7  1007 1007 DT T A . n 
A 1 8  DT 8  1008 1008 DT T A . n 
A 1 9  DC 9  1009 1009 DC C A . n 
A 1 10 DG 10 1010 1010 DG G A . n 
A 1 11 DC 11 1011 1011 DC C A . n 
A 1 12 DG 12 1012 1012 DG G A . n 
B 1 1  DC 1  2013 2013 DC C B . n 
B 1 2  DG 2  2014 2014 DG G B . n 
B 1 3  DC 3  2015 2015 DC C B . n 
B 1 4  DG 4  2016 2016 DG G B . n 
B 1 5  DA 5  2017 2017 DA A B . n 
B 1 6  DA 6  2018 2018 DA A B . n 
B 1 7  DT 7  2019 2019 DT T B . n 
B 1 8  DT 8  2020 2020 DT T B . n 
B 1 9  DC 9  2021 2021 DC C B . n 
B 1 10 DG 10 2022 2022 DG G B . n 
B 1 11 DC 11 2023 2023 DC C B . n 
B 1 12 DG 12 2024 2024 DG G B . n 
# 
loop_
_pdbx_nonpoly_scheme.asym_id 
_pdbx_nonpoly_scheme.entity_id 
_pdbx_nonpoly_scheme.mon_id 
_pdbx_nonpoly_scheme.ndb_seq_num 
_pdbx_nonpoly_scheme.pdb_seq_num 
_pdbx_nonpoly_scheme.auth_seq_num 
_pdbx_nonpoly_scheme.pdb_mon_id 
_pdbx_nonpoly_scheme.auth_mon_id 
_pdbx_nonpoly_scheme.pdb_strand_id 
_pdbx_nonpoly_scheme.pdb_ins_code 
C 2 MG  1  4026 4026 MG  MO6 A . 
D 3 CGQ 1  3025 3025 CGQ CGQ B . 
E 4 HOH 1  8002 8002 HOH HOH A . 
E 4 HOH 2  8004 8004 HOH HOH A . 
E 4 HOH 3  8009 8009 HOH HOH A . 
E 4 HOH 4  8010 8010 HOH HOH A . 
E 4 HOH 5  8011 8011 HOH HOH A . 
E 4 HOH 6  8013 8013 HOH HOH A . 
E 4 HOH 7  8014 8014 HOH HOH A . 
E 4 HOH 8  8016 8016 HOH HOH A . 
E 4 HOH 9  8018 8018 HOH HOH A . 
E 4 HOH 10 8019 8019 HOH HOH A . 
E 4 HOH 11 8020 8020 HOH HOH A . 
E 4 HOH 12 8021 8021 HOH HOH A . 
E 4 HOH 13 8022 8022 HOH HOH A . 
E 4 HOH 14 8025 8025 HOH HOH A . 
E 4 HOH 15 8028 8028 HOH HOH A . 
E 4 HOH 16 8031 8031 HOH HOH A . 
E 4 HOH 17 8032 8032 HOH HOH A . 
E 4 HOH 18 8034 8034 HOH HOH A . 
E 4 HOH 19 8035 8035 HOH HOH A . 
E 4 HOH 20 8036 8036 HOH HOH A . 
E 4 HOH 21 8037 8037 HOH HOH A . 
E 4 HOH 22 8038 8038 HOH HOH A . 
E 4 HOH 23 8039 8039 HOH HOH A . 
E 4 HOH 24 8040 8040 HOH HOH A . 
E 4 HOH 25 8041 8041 HOH HOH A . 
E 4 HOH 26 8044 8044 HOH HOH A . 
E 4 HOH 27 8051 8051 HOH HOH A . 
E 4 HOH 28 8054 8054 HOH HOH A . 
E 4 HOH 29 8056 8056 HOH HOH A . 
E 4 HOH 30 8057 8057 HOH HOH A . 
E 4 HOH 31 8058 8058 HOH HOH A . 
E 4 HOH 32 8059 8059 HOH HOH A . 
E 4 HOH 33 8060 8060 HOH HOH A . 
E 4 HOH 34 8065 8065 HOH HOH A . 
E 4 HOH 35 8067 8067 HOH HOH A . 
E 4 HOH 36 8068 8068 HOH HOH A . 
E 4 HOH 37 8071 8071 HOH HOH A . 
E 4 HOH 38 8075 8075 HOH HOH A . 
E 4 HOH 39 8078 8078 HOH HOH A . 
E 4 HOH 40 8084 8084 HOH HOH A . 
E 4 HOH 41 8085 8085 HOH HOH A . 
E 4 HOH 42 8086 8086 HOH HOH A . 
E 4 HOH 43 8087 8087 HOH HOH A . 
E 4 HOH 44 8088 8088 HOH HOH A . 
E 4 HOH 45 8090 8090 HOH HOH A . 
E 4 HOH 46 8091 8091 HOH HOH A . 
E 4 HOH 47 8094 8094 HOH HOH A . 
E 4 HOH 48 8095 8095 HOH HOH A . 
E 4 HOH 49 8096 8096 HOH HOH A . 
E 4 HOH 50 8097 8097 HOH HOH A . 
E 4 HOH 51 8100 8100 HOH HOH A . 
E 4 HOH 52 8101 8101 HOH HOH A . 
E 4 HOH 53 8102 8102 HOH HOH A . 
E 4 HOH 54 8105 8105 HOH HOH A . 
E 4 HOH 55 8109 8109 HOH HOH A . 
E 4 HOH 56 8110 8110 HOH HOH A . 
E 4 HOH 57 8111 8111 HOH HOH A . 
E 4 HOH 58 8113 4026 HOH MO6 A . 
E 4 HOH 59 8114 4026 HOH MO6 A . 
E 4 HOH 60 8115 4026 HOH MO6 A . 
E 4 HOH 61 8116 4026 HOH MO6 A . 
E 4 HOH 62 8117 4026 HOH MO6 A . 
F 4 HOH 1  8001 8001 HOH HOH B . 
F 4 HOH 2  8003 8003 HOH HOH B . 
F 4 HOH 3  8005 8005 HOH HOH B . 
F 4 HOH 4  8006 8006 HOH HOH B . 
F 4 HOH 5  8007 8007 HOH HOH B . 
F 4 HOH 6  8008 8008 HOH HOH B . 
F 4 HOH 7  8012 8012 HOH HOH B . 
F 4 HOH 8  8015 8015 HOH HOH B . 
F 4 HOH 9  8017 8017 HOH HOH B . 
F 4 HOH 10 8023 8023 HOH HOH B . 
F 4 HOH 11 8024 8024 HOH HOH B . 
F 4 HOH 12 8026 8026 HOH HOH B . 
F 4 HOH 13 8027 8027 HOH HOH B . 
F 4 HOH 14 8029 8029 HOH HOH B . 
F 4 HOH 15 8030 8030 HOH HOH B . 
F 4 HOH 16 8033 8033 HOH HOH B . 
F 4 HOH 17 8042 8042 HOH HOH B . 
F 4 HOH 18 8043 8043 HOH HOH B . 
F 4 HOH 19 8045 8045 HOH HOH B . 
F 4 HOH 20 8046 8046 HOH HOH B . 
F 4 HOH 21 8047 8047 HOH HOH B . 
F 4 HOH 22 8048 8048 HOH HOH B . 
F 4 HOH 23 8049 8049 HOH HOH B . 
F 4 HOH 24 8050 8050 HOH HOH B . 
F 4 HOH 25 8052 8052 HOH HOH B . 
F 4 HOH 26 8053 8053 HOH HOH B . 
F 4 HOH 27 8055 8055 HOH HOH B . 
F 4 HOH 28 8061 8061 HOH HOH B . 
F 4 HOH 29 8062 8062 HOH HOH B . 
F 4 HOH 30 8063 8063 HOH HOH B . 
F 4 HOH 31 8064 8064 HOH HOH B . 
F 4 HOH 32 8066 8066 HOH HOH B . 
F 4 HOH 33 8069 8069 HOH HOH B . 
F 4 HOH 34 8070 8070 HOH HOH B . 
F 4 HOH 35 8072 8072 HOH HOH B . 
F 4 HOH 36 8073 8073 HOH HOH B . 
F 4 HOH 37 8074 8074 HOH HOH B . 
F 4 HOH 38 8076 8076 HOH HOH B . 
F 4 HOH 39 8077 8077 HOH HOH B . 
F 4 HOH 40 8079 8079 HOH HOH B . 
F 4 HOH 41 8080 8080 HOH HOH B . 
F 4 HOH 42 8081 8081 HOH HOH B . 
F 4 HOH 43 8082 8082 HOH HOH B . 
F 4 HOH 44 8083 8083 HOH HOH B . 
F 4 HOH 45 8089 8089 HOH HOH B . 
F 4 HOH 46 8092 8092 HOH HOH B . 
F 4 HOH 47 8093 8093 HOH HOH B . 
F 4 HOH 48 8098 8098 HOH HOH B . 
F 4 HOH 49 8099 8099 HOH HOH B . 
F 4 HOH 50 8103 8103 HOH HOH B . 
F 4 HOH 51 8104 8104 HOH HOH B . 
F 4 HOH 52 8106 8106 HOH HOH B . 
F 4 HOH 53 8107 8107 HOH HOH B . 
F 4 HOH 54 8108 8108 HOH HOH B . 
F 4 HOH 55 8112 4026 HOH MO6 B . 
# 
loop_
_software.name 
_software.classification 
_software.version 
_software.citation_id 
_software.pdbx_ordinal 
SCALEPACK 'data scaling'   . ? 1 
X-PLOR    'model building' . ? 2 
SHELXL-97 refinement       . ? 3 
X-PLOR    phasing          . ? 4 
# 
_cell.entry_id           1M6F 
_cell.length_a           24.098 
_cell.length_b           39.821 
_cell.length_c           65.620 
_cell.angle_alpha        90.00 
_cell.angle_beta         90.00 
_cell.angle_gamma        90.00 
_cell.Z_PDB              8 
_cell.pdbx_unique_axis   ? 
# 
_symmetry.entry_id                         1M6F 
_symmetry.space_group_name_H-M             'P 21 21 21' 
_symmetry.pdbx_full_space_group_name_H-M   ? 
_symmetry.cell_setting                     ? 
_symmetry.Int_Tables_number                19 
# 
_exptl.entry_id          1M6F 
_exptl.method            'X-RAY DIFFRACTION' 
_exptl.crystals_number   1 
# 
_exptl_crystal.id                    1 
_exptl_crystal.density_meas          ? 
_exptl_crystal.density_percent_sol   40.25 
_exptl_crystal.density_Matthews      2.06 
_exptl_crystal.description           ? 
# 
_exptl_crystal_grow.crystal_id      1 
_exptl_crystal_grow.method          'VAPOR DIFFUSION, HANGING DROP' 
_exptl_crystal_grow.temp            285 
_exptl_crystal_grow.temp_details    ? 
_exptl_crystal_grow.pH              6.5 
_exptl_crystal_grow.pdbx_details    
;MGCL2 2UL OF 75MM, DNA DOUBLE-STRANDED 3UL OF 2MM, MPD 2UL OF 25%, DRUG 2UL OF 4.5MM, SODIUM CACODYLATE 40MM.  MPD IN RESERVOIR 700UL OF 50%., pH 6.5, VAPOR DIFFUSION, HANGING DROP, temperature 285K
;
_exptl_crystal_grow.pdbx_pH_range   . 
# 
loop_
_exptl_crystal_grow_comp.crystal_id 
_exptl_crystal_grow_comp.id 
_exptl_crystal_grow_comp.sol_id 
_exptl_crystal_grow_comp.name 
_exptl_crystal_grow_comp.conc 
_exptl_crystal_grow_comp.volume 
_exptl_crystal_grow_comp.details 
1 1 1 MGCL2 ? ? ? 
1 2 1 DNA   ? ? ? 
1 3 1 MPD   ? ? ? 
1 4 1 DRUG  ? ? ? 
1 5 2 MPD   ? ? ? 
# 
_diffrn.id                     1 
_diffrn.ambient_temp           104 
_diffrn.ambient_temp_details   ? 
_diffrn.crystal_id             1 
# 
_diffrn_detector.diffrn_id              1 
_diffrn_detector.detector               'IMAGE PLATE' 
_diffrn_detector.type                   'RIGAKU RAXIS IV' 
_diffrn_detector.pdbx_collection_date   2002-06-27 
_diffrn_detector.details                'Yale Focussing Mirrors' 
# 
_diffrn_radiation.diffrn_id                        1 
_diffrn_radiation.wavelength_id                    1 
_diffrn_radiation.monochromator                    ? 
_diffrn_radiation.pdbx_monochromatic_or_laue_m_l   M 
_diffrn_radiation.pdbx_diffrn_protocol             'SINGLE WAVELENGTH' 
_diffrn_radiation.pdbx_scattering_type             x-ray 
# 
_diffrn_radiation_wavelength.id           1 
_diffrn_radiation_wavelength.wavelength   1.5418 
_diffrn_radiation_wavelength.wt           1.0 
# 
_diffrn_source.diffrn_id                   1 
_diffrn_source.source                      'ROTATING ANODE' 
_diffrn_source.type                        'RIGAKU RU200' 
_diffrn_source.pdbx_synchrotron_site       ? 
_diffrn_source.pdbx_synchrotron_beamline   ? 
_diffrn_source.pdbx_wavelength             ? 
_diffrn_source.pdbx_wavelength_list        1.5418 
# 
_reflns.entry_id                     1M6F 
_reflns.observed_criterion_sigma_F   1 
_reflns.observed_criterion_sigma_I   1 
_reflns.d_resolution_high            1.78 
_reflns.d_resolution_low             17.00 
_reflns.number_all                   ? 
_reflns.number_obs                   6040 
_reflns.percent_possible_obs         92.8 
_reflns.pdbx_Rmerge_I_obs            0.047 
_reflns.pdbx_Rsym_value              ? 
_reflns.pdbx_netI_over_sigmaI        ? 
_reflns.B_iso_Wilson_estimate        ? 
_reflns.pdbx_redundancy              8.8 
_reflns.R_free_details               ? 
_reflns.pdbx_diffrn_id               1 
_reflns.pdbx_ordinal                 1 
# 
_reflns_shell.d_res_high             1.78 
_reflns_shell.d_res_low              1.84 
_reflns_shell.percent_possible_obs   90.6 
_reflns_shell.percent_possible_all   90.6 
_reflns_shell.Rmerge_I_obs           0.184 
_reflns_shell.meanI_over_sigI_obs    ? 
_reflns_shell.pdbx_Rsym_value        ? 
_reflns_shell.pdbx_redundancy        ? 
_reflns_shell.number_unique_all      ? 
_reflns_shell.pdbx_diffrn_id         ? 
_reflns_shell.pdbx_ordinal           1 
# 
_refine.entry_id                                 1M6F 
_refine.ls_d_res_high                            1.78 
_refine.ls_d_res_low                             10.00 
_refine.pdbx_ls_sigma_F                          4 
_refine.pdbx_ls_sigma_I                          2 
_refine.ls_number_reflns_all                     5636 
_refine.ls_number_reflns_obs                     5477 
_refine.ls_number_reflns_R_free                  298 
_refine.ls_percent_reflns_obs                    ? 
_refine.ls_R_factor_all                          ? 
_refine.ls_R_factor_obs                          0.205 
_refine.ls_R_factor_R_work                       0.202 
_refine.ls_R_factor_R_free                       0.277 
_refine.ls_redundancy_reflns_obs                 ? 
_refine.pdbx_data_cutoff_high_absF               ? 
_refine.pdbx_data_cutoff_low_absF                ? 
_refine.ls_number_parameters                     ? 
_refine.ls_number_restraints                     ? 
_refine.ls_percent_reflns_R_free                 ? 
_refine.ls_R_factor_R_free_error                 ? 
_refine.ls_R_factor_R_free_error_details         ? 
_refine.pdbx_method_to_determine_struct          'MOLECULAR REPLACEMENT' 
_refine.pdbx_starting_model                      'DNA PART OF NDB ENTRY GDL009' 
_refine.pdbx_ls_cross_valid_method               THROUGHOUT 
_refine.pdbx_R_Free_selection_details            RANDOM 
_refine.pdbx_stereochem_target_val_spec_case     ? 
_refine.pdbx_stereochemistry_target_values       'Engh & Huber' 
_refine.solvent_model_details                    ? 
_refine.solvent_model_param_bsol                 ? 
_refine.solvent_model_param_ksol                 ? 
_refine.occupancy_max                            ? 
_refine.occupancy_min                            ? 
_refine.pdbx_isotropic_thermal_model             ? 
_refine.B_iso_mean                               ? 
_refine.aniso_B[1][1]                            ? 
_refine.aniso_B[1][2]                            ? 
_refine.aniso_B[1][3]                            ? 
_refine.aniso_B[2][2]                            ? 
_refine.aniso_B[2][3]                            ? 
_refine.aniso_B[3][3]                            ? 
_refine.details                                  ? 
_refine.correlation_coeff_Fo_to_Fc               ? 
_refine.correlation_coeff_Fo_to_Fc_free          ? 
_refine.pdbx_solvent_vdw_probe_radii             ? 
_refine.pdbx_solvent_ion_probe_radii             ? 
_refine.pdbx_solvent_shrinkage_radii             ? 
_refine.overall_SU_R_Cruickshank_DPI             ? 
_refine.overall_SU_R_free                        ? 
_refine.overall_SU_B                             ? 
_refine.overall_SU_ML                            ? 
_refine.pdbx_overall_ESU_R                       ? 
_refine.pdbx_overall_ESU_R_Free                  ? 
_refine.pdbx_data_cutoff_high_rms_absF           ? 
_refine.pdbx_refine_id                           'X-RAY DIFFRACTION' 
_refine.pdbx_diffrn_id                           1 
_refine.pdbx_TLS_residual_ADP_flag               ? 
_refine.pdbx_overall_phase_error                 ? 
_refine.pdbx_overall_SU_R_free_Cruickshank_DPI   ? 
_refine.pdbx_overall_SU_R_Blow_DPI               ? 
_refine.pdbx_overall_SU_R_free_Blow_DPI          ? 
# 
_refine_hist.pdbx_refine_id                   'X-RAY DIFFRACTION' 
_refine_hist.cycle_id                         LAST 
_refine_hist.pdbx_number_atoms_protein        0 
_refine_hist.pdbx_number_atoms_nucleic_acid   486 
_refine_hist.pdbx_number_atoms_ligand         42 
_refine_hist.number_atoms_solvent             111 
_refine_hist.number_atoms_total               639 
_refine_hist.d_res_high                       1.78 
_refine_hist.d_res_low                        10.00 
# 
loop_
_refine_ls_restr.type 
_refine_ls_restr.dev_ideal 
_refine_ls_restr.dev_ideal_target 
_refine_ls_restr.weight 
_refine_ls_restr.number 
_refine_ls_restr.pdbx_refine_id 
_refine_ls_restr.pdbx_restraint_function 
s_bond_d              0.008 ? ? ? 'X-RAY DIFFRACTION' ? 
s_angle_d             0.020 ? ? ? 'X-RAY DIFFRACTION' ? 
s_from_restr_planes   0.019 ? ? ? 'X-RAY DIFFRACTION' ? 
s_non_zero_chiral_vol 0.006 ? ? ? 'X-RAY DIFFRACTION' ? 
s_anti_bump_dis_restr 0.010 ? ? ? 'X-RAY DIFFRACTION' ? 
# 
_pdbx_refine.entry_id                                    1M6F 
_pdbx_refine.R_factor_all_no_cutoff                      0.205 
_pdbx_refine.R_factor_obs_no_cutoff                      0.202 
_pdbx_refine.number_reflns_obs_no_cutoff                 5636 
_pdbx_refine.free_R_factor_no_cutoff                     0.277 
_pdbx_refine.free_R_val_test_set_ct_no_cutoff            ? 
_pdbx_refine.free_R_val_test_set_size_perc_no_cutoff     ? 
_pdbx_refine.R_factor_all_4sig_cutoff                    0.202 
_pdbx_refine.R_factor_obs_4sig_cutoff                    0.199 
_pdbx_refine.number_reflns_obs_4sig_cutoff               5477 
_pdbx_refine.free_R_factor_4sig_cutoff                   0.271 
_pdbx_refine.free_R_val_test_set_ct_4sig_cutoff          289 
_pdbx_refine.free_R_val_test_set_size_perc_4sig_cutoff   ? 
_pdbx_refine.pdbx_refine_id                              'X-RAY DIFFRACTION' 
_pdbx_refine.free_R_error_no_cutoff                      ? 
# 
_struct.entry_id                  1M6F 
_struct.title                     
'Strong Binding in the DNA Minor Groove by an Aromatic Diamidine With a Shape That Does Not Match the Curvature of the Groove' 
_struct.pdbx_model_details        ? 
_struct.pdbx_CASP_flag            ? 
_struct.pdbx_model_type_details   ? 
# 
_struct_keywords.entry_id        1M6F 
_struct_keywords.pdbx_keywords   DNA 
_struct_keywords.text            'Nucleic acids, minor groove binder, double helix, DNA-drug complex, DNA' 
# 
loop_
_struct_asym.id 
_struct_asym.pdbx_blank_PDB_chainid_flag 
_struct_asym.pdbx_modified 
_struct_asym.entity_id 
_struct_asym.details 
A N N 1 ? 
B N N 1 ? 
C N N 2 ? 
D N N 3 ? 
E N N 4 ? 
F N N 4 ? 
# 
_struct_ref.id                         1 
_struct_ref.entity_id                  1 
_struct_ref.db_name                    PDB 
_struct_ref.db_code                    1M6F 
_struct_ref.pdbx_db_accession          1M6F 
_struct_ref.pdbx_db_isoform            ? 
_struct_ref.pdbx_seq_one_letter_code   ? 
_struct_ref.pdbx_align_begin           ? 
# 
loop_
_struct_ref_seq.align_id 
_struct_ref_seq.ref_id 
_struct_ref_seq.pdbx_PDB_id_code 
_struct_ref_seq.pdbx_strand_id 
_struct_ref_seq.seq_align_beg 
_struct_ref_seq.pdbx_seq_align_beg_ins_code 
_struct_ref_seq.seq_align_end 
_struct_ref_seq.pdbx_seq_align_end_ins_code 
_struct_ref_seq.pdbx_db_accession 
_struct_ref_seq.db_align_beg 
_struct_ref_seq.pdbx_db_align_beg_ins_code 
_struct_ref_seq.db_align_end 
_struct_ref_seq.pdbx_db_align_end_ins_code 
_struct_ref_seq.pdbx_auth_seq_align_beg 
_struct_ref_seq.pdbx_auth_seq_align_end 
1 1 1M6F A 1 ? 12 ? 1M6F 1001 ? 1012 ? 1001 1012 
2 1 1M6F B 1 ? 12 ? 1M6F 2013 ? 2024 ? 2013 2024 
# 
_pdbx_struct_assembly.id                   1 
_pdbx_struct_assembly.details              author_defined_assembly 
_pdbx_struct_assembly.method_details       ? 
_pdbx_struct_assembly.oligomeric_details   dimeric 
_pdbx_struct_assembly.oligomeric_count     2 
# 
_pdbx_struct_assembly_gen.assembly_id       1 
_pdbx_struct_assembly_gen.oper_expression   1 
_pdbx_struct_assembly_gen.asym_id_list      A,B,C,D,E,F 
# 
_pdbx_struct_oper_list.id                   1 
_pdbx_struct_oper_list.type                 'identity operation' 
_pdbx_struct_oper_list.name                 1_555 
_pdbx_struct_oper_list.symmetry_operation   x,y,z 
_pdbx_struct_oper_list.matrix[1][1]         1.0000000000 
_pdbx_struct_oper_list.matrix[1][2]         0.0000000000 
_pdbx_struct_oper_list.matrix[1][3]         0.0000000000 
_pdbx_struct_oper_list.vector[1]            0.0000000000 
_pdbx_struct_oper_list.matrix[2][1]         0.0000000000 
_pdbx_struct_oper_list.matrix[2][2]         1.0000000000 
_pdbx_struct_oper_list.matrix[2][3]         0.0000000000 
_pdbx_struct_oper_list.vector[2]            0.0000000000 
_pdbx_struct_oper_list.matrix[3][1]         0.0000000000 
_pdbx_struct_oper_list.matrix[3][2]         0.0000000000 
_pdbx_struct_oper_list.matrix[3][3]         1.0000000000 
_pdbx_struct_oper_list.vector[3]            0.0000000000 
# 
_struct_biol.id                    1 
_struct_biol.pdbx_parent_biol_id   ? 
_struct_biol.details               ? 
# 
loop_
_struct_conn.id 
_struct_conn.conn_type_id 
_struct_conn.pdbx_leaving_atom_flag 
_struct_conn.pdbx_PDB_id 
_struct_conn.ptnr1_label_asym_id 
_struct_conn.ptnr1_label_comp_id 
_struct_conn.ptnr1_label_seq_id 
_struct_conn.ptnr1_label_atom_id 
_struct_conn.pdbx_ptnr1_label_alt_id 
_struct_conn.pdbx_ptnr1_PDB_ins_code 
_struct_conn.pdbx_ptnr1_standard_comp_id 
_struct_conn.ptnr1_symmetry 
_struct_conn.ptnr2_label_asym_id 
_struct_conn.ptnr2_label_comp_id 
_struct_conn.ptnr2_label_seq_id 
_struct_conn.ptnr2_label_atom_id 
_struct_conn.pdbx_ptnr2_label_alt_id 
_struct_conn.pdbx_ptnr2_PDB_ins_code 
_struct_conn.ptnr1_auth_asym_id 
_struct_conn.ptnr1_auth_comp_id 
_struct_conn.ptnr1_auth_seq_id 
_struct_conn.ptnr2_auth_asym_id 
_struct_conn.ptnr2_auth_comp_id 
_struct_conn.ptnr2_auth_seq_id 
_struct_conn.ptnr2_symmetry 
_struct_conn.pdbx_ptnr3_label_atom_id 
_struct_conn.pdbx_ptnr3_label_seq_id 
_struct_conn.pdbx_ptnr3_label_comp_id 
_struct_conn.pdbx_ptnr3_label_asym_id 
_struct_conn.pdbx_ptnr3_label_alt_id 
_struct_conn.pdbx_ptnr3_PDB_ins_code 
_struct_conn.details 
_struct_conn.pdbx_dist_value 
_struct_conn.pdbx_value_order 
_struct_conn.pdbx_role 
metalc1  metalc ? ? C MG .  MG ? ? ? 1_555 E HOH .  O  ? ? A MG 4026 A HOH 8113 1_555 ? ? ? ? ? ? ?            2.011 ? ? 
metalc2  metalc ? ? C MG .  MG ? ? ? 1_555 E HOH .  O  ? ? A MG 4026 A HOH 8114 1_555 ? ? ? ? ? ? ?            2.031 ? ? 
metalc3  metalc ? ? C MG .  MG ? ? ? 1_555 E HOH .  O  ? ? A MG 4026 A HOH 8115 1_555 ? ? ? ? ? ? ?            2.019 ? ? 
metalc4  metalc ? ? C MG .  MG ? ? ? 1_555 E HOH .  O  ? ? A MG 4026 A HOH 8116 1_555 ? ? ? ? ? ? ?            2.023 ? ? 
metalc5  metalc ? ? C MG .  MG ? ? ? 1_555 E HOH .  O  ? ? A MG 4026 A HOH 8117 1_555 ? ? ? ? ? ? ?            2.024 ? ? 
metalc6  metalc ? ? C MG .  MG ? ? ? 1_555 F HOH .  O  ? ? A MG 4026 B HOH 8112 1_555 ? ? ? ? ? ? ?            2.019 ? ? 
hydrog1  hydrog ? ? A DC 1  N3 ? ? ? 1_555 B DG  12 N1 ? ? A DC 1001 B DG  2024 1_555 ? ? ? ? ? ? WATSON-CRICK ?     ? ? 
hydrog2  hydrog ? ? A DC 1  N4 ? ? ? 1_555 B DG  12 O6 ? ? A DC 1001 B DG  2024 1_555 ? ? ? ? ? ? WATSON-CRICK ?     ? ? 
hydrog3  hydrog ? ? A DC 1  O2 ? ? ? 1_555 B DG  12 N2 ? ? A DC 1001 B DG  2024 1_555 ? ? ? ? ? ? WATSON-CRICK ?     ? ? 
hydrog4  hydrog ? ? A DG 2  N1 ? ? ? 1_555 B DC  11 N3 ? ? A DG 1002 B DC  2023 1_555 ? ? ? ? ? ? WATSON-CRICK ?     ? ? 
hydrog5  hydrog ? ? A DG 2  N2 ? ? ? 1_555 B DC  11 O2 ? ? A DG 1002 B DC  2023 1_555 ? ? ? ? ? ? WATSON-CRICK ?     ? ? 
hydrog6  hydrog ? ? A DG 2  O6 ? ? ? 1_555 B DC  11 N4 ? ? A DG 1002 B DC  2023 1_555 ? ? ? ? ? ? WATSON-CRICK ?     ? ? 
hydrog7  hydrog ? ? A DC 3  N3 ? ? ? 1_555 B DG  10 N1 ? ? A DC 1003 B DG  2022 1_555 ? ? ? ? ? ? WATSON-CRICK ?     ? ? 
hydrog8  hydrog ? ? A DC 3  N4 ? ? ? 1_555 B DG  10 O6 ? ? A DC 1003 B DG  2022 1_555 ? ? ? ? ? ? WATSON-CRICK ?     ? ? 
hydrog9  hydrog ? ? A DC 3  O2 ? ? ? 1_555 B DG  10 N2 ? ? A DC 1003 B DG  2022 1_555 ? ? ? ? ? ? WATSON-CRICK ?     ? ? 
hydrog10 hydrog ? ? A DG 4  N1 ? ? ? 1_555 B DC  9  N3 ? ? A DG 1004 B DC  2021 1_555 ? ? ? ? ? ? WATSON-CRICK ?     ? ? 
hydrog11 hydrog ? ? A DG 4  N2 ? ? ? 1_555 B DC  9  O2 ? ? A DG 1004 B DC  2021 1_555 ? ? ? ? ? ? WATSON-CRICK ?     ? ? 
hydrog12 hydrog ? ? A DG 4  O6 ? ? ? 1_555 B DC  9  N4 ? ? A DG 1004 B DC  2021 1_555 ? ? ? ? ? ? WATSON-CRICK ?     ? ? 
hydrog13 hydrog ? ? A DA 5  N1 ? ? ? 1_555 B DT  8  N3 ? ? A DA 1005 B DT  2020 1_555 ? ? ? ? ? ? WATSON-CRICK ?     ? ? 
hydrog14 hydrog ? ? A DA 5  N6 ? ? ? 1_555 B DT  8  O4 ? ? A DA 1005 B DT  2020 1_555 ? ? ? ? ? ? WATSON-CRICK ?     ? ? 
hydrog15 hydrog ? ? A DA 6  N1 ? ? ? 1_555 B DT  7  N3 ? ? A DA 1006 B DT  2019 1_555 ? ? ? ? ? ? WATSON-CRICK ?     ? ? 
hydrog16 hydrog ? ? A DA 6  N6 ? ? ? 1_555 B DT  7  O4 ? ? A DA 1006 B DT  2019 1_555 ? ? ? ? ? ? WATSON-CRICK ?     ? ? 
hydrog17 hydrog ? ? A DT 7  N3 ? ? ? 1_555 B DA  6  N1 ? ? A DT 1007 B DA  2018 1_555 ? ? ? ? ? ? WATSON-CRICK ?     ? ? 
hydrog18 hydrog ? ? A DT 7  O4 ? ? ? 1_555 B DA  6  N6 ? ? A DT 1007 B DA  2018 1_555 ? ? ? ? ? ? WATSON-CRICK ?     ? ? 
hydrog19 hydrog ? ? A DT 8  N3 ? ? ? 1_555 B DA  5  N1 ? ? A DT 1008 B DA  2017 1_555 ? ? ? ? ? ? WATSON-CRICK ?     ? ? 
hydrog20 hydrog ? ? A DT 8  O4 ? ? ? 1_555 B DA  5  N6 ? ? A DT 1008 B DA  2017 1_555 ? ? ? ? ? ? WATSON-CRICK ?     ? ? 
hydrog21 hydrog ? ? A DC 9  N3 ? ? ? 1_555 B DG  4  N1 ? ? A DC 1009 B DG  2016 1_555 ? ? ? ? ? ? WATSON-CRICK ?     ? ? 
hydrog22 hydrog ? ? A DC 9  N4 ? ? ? 1_555 B DG  4  O6 ? ? A DC 1009 B DG  2016 1_555 ? ? ? ? ? ? WATSON-CRICK ?     ? ? 
hydrog23 hydrog ? ? A DC 9  O2 ? ? ? 1_555 B DG  4  N2 ? ? A DC 1009 B DG  2016 1_555 ? ? ? ? ? ? WATSON-CRICK ?     ? ? 
hydrog24 hydrog ? ? A DG 10 N1 ? ? ? 1_555 B DC  3  N3 ? ? A DG 1010 B DC  2015 1_555 ? ? ? ? ? ? WATSON-CRICK ?     ? ? 
hydrog25 hydrog ? ? A DG 10 N2 ? ? ? 1_555 B DC  3  O2 ? ? A DG 1010 B DC  2015 1_555 ? ? ? ? ? ? WATSON-CRICK ?     ? ? 
hydrog26 hydrog ? ? A DG 10 O6 ? ? ? 1_555 B DC  3  N4 ? ? A DG 1010 B DC  2015 1_555 ? ? ? ? ? ? WATSON-CRICK ?     ? ? 
hydrog27 hydrog ? ? A DC 11 N3 ? ? ? 1_555 B DG  2  N1 ? ? A DC 1011 B DG  2014 1_555 ? ? ? ? ? ? WATSON-CRICK ?     ? ? 
hydrog28 hydrog ? ? A DC 11 N4 ? ? ? 1_555 B DG  2  O6 ? ? A DC 1011 B DG  2014 1_555 ? ? ? ? ? ? WATSON-CRICK ?     ? ? 
hydrog29 hydrog ? ? A DC 11 O2 ? ? ? 1_555 B DG  2  N2 ? ? A DC 1011 B DG  2014 1_555 ? ? ? ? ? ? WATSON-CRICK ?     ? ? 
hydrog30 hydrog ? ? A DG 12 N1 ? ? ? 1_555 B DC  1  N3 ? ? A DG 1012 B DC  2013 1_555 ? ? ? ? ? ? WATSON-CRICK ?     ? ? 
hydrog31 hydrog ? ? A DG 12 N2 ? ? ? 1_555 B DC  1  O2 ? ? A DG 1012 B DC  2013 1_555 ? ? ? ? ? ? WATSON-CRICK ?     ? ? 
hydrog32 hydrog ? ? A DG 12 O6 ? ? ? 1_555 B DC  1  N4 ? ? A DG 1012 B DC  2013 1_555 ? ? ? ? ? ? WATSON-CRICK ?     ? ? 
# 
loop_
_struct_conn_type.id 
_struct_conn_type.criteria 
_struct_conn_type.reference 
metalc ? ? 
hydrog ? ? 
# 
loop_
_pdbx_struct_conn_angle.id 
_pdbx_struct_conn_angle.ptnr1_label_atom_id 
_pdbx_struct_conn_angle.ptnr1_label_alt_id 
_pdbx_struct_conn_angle.ptnr1_label_asym_id 
_pdbx_struct_conn_angle.ptnr1_label_comp_id 
_pdbx_struct_conn_angle.ptnr1_label_seq_id 
_pdbx_struct_conn_angle.ptnr1_auth_atom_id 
_pdbx_struct_conn_angle.ptnr1_auth_asym_id 
_pdbx_struct_conn_angle.ptnr1_auth_comp_id 
_pdbx_struct_conn_angle.ptnr1_auth_seq_id 
_pdbx_struct_conn_angle.ptnr1_PDB_ins_code 
_pdbx_struct_conn_angle.ptnr1_symmetry 
_pdbx_struct_conn_angle.ptnr2_label_atom_id 
_pdbx_struct_conn_angle.ptnr2_label_alt_id 
_pdbx_struct_conn_angle.ptnr2_label_asym_id 
_pdbx_struct_conn_angle.ptnr2_label_comp_id 
_pdbx_struct_conn_angle.ptnr2_label_seq_id 
_pdbx_struct_conn_angle.ptnr2_auth_atom_id 
_pdbx_struct_conn_angle.ptnr2_auth_asym_id 
_pdbx_struct_conn_angle.ptnr2_auth_comp_id 
_pdbx_struct_conn_angle.ptnr2_auth_seq_id 
_pdbx_struct_conn_angle.ptnr2_PDB_ins_code 
_pdbx_struct_conn_angle.ptnr2_symmetry 
_pdbx_struct_conn_angle.ptnr3_label_atom_id 
_pdbx_struct_conn_angle.ptnr3_label_alt_id 
_pdbx_struct_conn_angle.ptnr3_label_asym_id 
_pdbx_struct_conn_angle.ptnr3_label_comp_id 
_pdbx_struct_conn_angle.ptnr3_label_seq_id 
_pdbx_struct_conn_angle.ptnr3_auth_atom_id 
_pdbx_struct_conn_angle.ptnr3_auth_asym_id 
_pdbx_struct_conn_angle.ptnr3_auth_comp_id 
_pdbx_struct_conn_angle.ptnr3_auth_seq_id 
_pdbx_struct_conn_angle.ptnr3_PDB_ins_code 
_pdbx_struct_conn_angle.ptnr3_symmetry 
_pdbx_struct_conn_angle.value 
_pdbx_struct_conn_angle.value_esd 
1  O ? E HOH . ? A HOH 8113 ? 1_555 MG ? C MG . ? A MG 4026 ? 1_555 O ? E HOH . ? A HOH 8114 ? 1_555 88.7  ? 
2  O ? E HOH . ? A HOH 8113 ? 1_555 MG ? C MG . ? A MG 4026 ? 1_555 O ? E HOH . ? A HOH 8115 ? 1_555 176.6 ? 
3  O ? E HOH . ? A HOH 8114 ? 1_555 MG ? C MG . ? A MG 4026 ? 1_555 O ? E HOH . ? A HOH 8115 ? 1_555 88.7  ? 
4  O ? E HOH . ? A HOH 8113 ? 1_555 MG ? C MG . ? A MG 4026 ? 1_555 O ? E HOH . ? A HOH 8116 ? 1_555 90.6  ? 
5  O ? E HOH . ? A HOH 8114 ? 1_555 MG ? C MG . ? A MG 4026 ? 1_555 O ? E HOH . ? A HOH 8116 ? 1_555 90.5  ? 
6  O ? E HOH . ? A HOH 8115 ? 1_555 MG ? C MG . ? A MG 4026 ? 1_555 O ? E HOH . ? A HOH 8116 ? 1_555 91.5  ? 
7  O ? E HOH . ? A HOH 8113 ? 1_555 MG ? C MG . ? A MG 4026 ? 1_555 O ? E HOH . ? A HOH 8117 ? 1_555 90.9  ? 
8  O ? E HOH . ? A HOH 8114 ? 1_555 MG ? C MG . ? A MG 4026 ? 1_555 O ? E HOH . ? A HOH 8117 ? 1_555 91.4  ? 
9  O ? E HOH . ? A HOH 8115 ? 1_555 MG ? C MG . ? A MG 4026 ? 1_555 O ? E HOH . ? A HOH 8117 ? 1_555 87.1  ? 
10 O ? E HOH . ? A HOH 8116 ? 1_555 MG ? C MG . ? A MG 4026 ? 1_555 O ? E HOH . ? A HOH 8117 ? 1_555 177.6 ? 
11 O ? E HOH . ? A HOH 8113 ? 1_555 MG ? C MG . ? A MG 4026 ? 1_555 O ? F HOH . ? B HOH 8112 ? 1_555 91.0  ? 
12 O ? E HOH . ? A HOH 8114 ? 1_555 MG ? C MG . ? A MG 4026 ? 1_555 O ? F HOH . ? B HOH 8112 ? 1_555 179.6 ? 
13 O ? E HOH . ? A HOH 8115 ? 1_555 MG ? C MG . ? A MG 4026 ? 1_555 O ? F HOH . ? B HOH 8112 ? 1_555 91.7  ? 
14 O ? E HOH . ? A HOH 8116 ? 1_555 MG ? C MG . ? A MG 4026 ? 1_555 O ? F HOH . ? B HOH 8112 ? 1_555 89.6  ? 
15 O ? E HOH . ? A HOH 8117 ? 1_555 MG ? C MG . ? A MG 4026 ? 1_555 O ? F HOH . ? B HOH 8112 ? 1_555 88.5  ? 
# 
loop_
_struct_site.id 
_struct_site.pdbx_evidence_code 
_struct_site.pdbx_auth_asym_id 
_struct_site.pdbx_auth_comp_id 
_struct_site.pdbx_auth_seq_id 
_struct_site.pdbx_auth_ins_code 
_struct_site.pdbx_num_residues 
_struct_site.details 
AC1 Software B CGQ 3025 ? 14 'BINDING SITE FOR RESIDUE CGQ B 3025' 
AC2 Software A MG  4026 ? 6  'BINDING SITE FOR RESIDUE MG A 4026'  
1   ?        ? ?   ?    ? ?  ?                                     
# 
loop_
_struct_site_gen.id 
_struct_site_gen.site_id 
_struct_site_gen.pdbx_num_res 
_struct_site_gen.label_comp_id 
_struct_site_gen.label_asym_id 
_struct_site_gen.label_seq_id 
_struct_site_gen.pdbx_auth_ins_code 
_struct_site_gen.auth_comp_id 
_struct_site_gen.auth_asym_id 
_struct_site_gen.auth_seq_id 
_struct_site_gen.label_atom_id 
_struct_site_gen.label_alt_id 
_struct_site_gen.symmetry 
_struct_site_gen.details 
1  AC1 14 DG  A 4 ? DG  A 1004 . ? 1_455 ? 
2  AC1 14 DA  A 6 ? DA  A 1006 . ? 1_555 ? 
3  AC1 14 DT  A 7 ? DT  A 1007 . ? 1_555 ? 
4  AC1 14 DT  A 8 ? DT  A 1008 . ? 1_555 ? 
5  AC1 14 DC  A 9 ? DC  A 1009 . ? 1_555 ? 
6  AC1 14 DA  B 6 ? DA  B 2018 . ? 1_555 ? 
7  AC1 14 DT  B 7 ? DT  B 2019 . ? 1_555 ? 
8  AC1 14 DT  B 8 ? DT  B 2020 . ? 1_555 ? 
9  AC1 14 DC  B 9 ? DC  B 2021 . ? 1_555 ? 
10 AC1 14 HOH F . ? HOH B 8017 . ? 1_555 ? 
11 AC1 14 HOH F . ? HOH B 8030 . ? 1_555 ? 
12 AC1 14 HOH F . ? HOH B 8033 . ? 1_555 ? 
13 AC1 14 HOH F . ? HOH B 8045 . ? 1_555 ? 
14 AC1 14 HOH F . ? HOH B 8099 . ? 1_555 ? 
15 AC2 6  HOH E . ? HOH A 8113 . ? 1_555 ? 
16 AC2 6  HOH E . ? HOH A 8114 . ? 1_555 ? 
17 AC2 6  HOH E . ? HOH A 8115 . ? 1_555 ? 
18 AC2 6  HOH E . ? HOH A 8116 . ? 1_555 ? 
19 AC2 6  HOH E . ? HOH A 8117 . ? 1_555 ? 
20 AC2 6  HOH F . ? HOH B 8112 . ? 1_555 ? 
# 
loop_
_pdbx_validate_rmsd_angle.id 
_pdbx_validate_rmsd_angle.PDB_model_num 
_pdbx_validate_rmsd_angle.auth_atom_id_1 
_pdbx_validate_rmsd_angle.auth_asym_id_1 
_pdbx_validate_rmsd_angle.auth_comp_id_1 
_pdbx_validate_rmsd_angle.auth_seq_id_1 
_pdbx_validate_rmsd_angle.PDB_ins_code_1 
_pdbx_validate_rmsd_angle.label_alt_id_1 
_pdbx_validate_rmsd_angle.auth_atom_id_2 
_pdbx_validate_rmsd_angle.auth_asym_id_2 
_pdbx_validate_rmsd_angle.auth_comp_id_2 
_pdbx_validate_rmsd_angle.auth_seq_id_2 
_pdbx_validate_rmsd_angle.PDB_ins_code_2 
_pdbx_validate_rmsd_angle.label_alt_id_2 
_pdbx_validate_rmsd_angle.auth_atom_id_3 
_pdbx_validate_rmsd_angle.auth_asym_id_3 
_pdbx_validate_rmsd_angle.auth_comp_id_3 
_pdbx_validate_rmsd_angle.auth_seq_id_3 
_pdbx_validate_rmsd_angle.PDB_ins_code_3 
_pdbx_validate_rmsd_angle.label_alt_id_3 
_pdbx_validate_rmsd_angle.angle_value 
_pdbx_validate_rmsd_angle.angle_target_value 
_pdbx_validate_rmsd_angle.angle_deviation 
_pdbx_validate_rmsd_angle.angle_standard_deviation 
_pdbx_validate_rmsd_angle.linker_flag 
1  1 "O4'" A DC 1001 ? ? "C1'" A DC 1001 ? ? N1    A DC 1001 ? ? 101.14 108.00 -6.86  0.70 N 
2  1 "C3'" A DG 1002 ? ? "O3'" A DG 1002 ? ? P     A DC 1003 ? ? 126.96 119.70 7.26   1.20 Y 
3  1 "O4'" A DC 1003 ? ? "C1'" A DC 1003 ? ? N1    A DC 1003 ? ? 102.61 108.00 -5.39  0.70 N 
4  1 "O4'" A DA 1005 ? ? "C1'" A DA 1005 ? ? N9    A DA 1005 ? ? 100.06 108.00 -7.94  0.70 N 
5  1 "O4'" A DA 1006 ? ? "C1'" A DA 1006 ? ? N9    A DA 1006 ? ? 99.52  108.00 -8.48  0.70 N 
6  1 N1    A DT 1007 ? ? "C1'" A DT 1007 ? ? "C2'" A DT 1007 ? ? 123.96 114.30 9.66   1.40 N 
7  1 "O4'" A DT 1007 ? ? "C1'" A DT 1007 ? ? N1    A DT 1007 ? ? 98.73  108.00 -9.27  0.70 N 
8  1 N1    A DT 1008 ? ? "C1'" A DT 1008 ? ? "C2'" A DT 1008 ? ? 123.15 114.30 8.85   1.40 N 
9  1 "O4'" A DT 1008 ? ? "C1'" A DT 1008 ? ? N1    A DT 1008 ? ? 99.96  108.00 -8.04  0.70 N 
10 1 "O4'" A DC 1009 ? ? "C1'" A DC 1009 ? ? N1    A DC 1009 ? ? 101.97 108.00 -6.03  0.70 N 
11 1 "O4'" A DC 1011 ? ? "C1'" A DC 1011 ? ? N1    A DC 1011 ? ? 99.01  108.00 -8.99  0.70 N 
12 1 "O4'" B DC 2015 ? ? "C1'" B DC 2015 ? ? N1    B DC 2015 ? ? 100.82 108.00 -7.18  0.70 N 
13 1 "O4'" B DG 2016 ? ? "C1'" B DG 2016 ? ? N9    B DG 2016 ? ? 103.36 108.00 -4.64  0.70 N 
14 1 "O4'" B DA 2017 ? ? "C1'" B DA 2017 ? ? N9    B DA 2017 ? ? 96.79  108.00 -11.21 0.70 N 
15 1 N9    B DA 2018 ? ? "C1'" B DA 2018 ? ? "C2'" B DA 2018 ? ? 123.65 114.30 9.35   1.40 N 
16 1 "O4'" B DA 2018 ? ? "C1'" B DA 2018 ? ? N9    B DA 2018 ? ? 95.92  108.00 -12.08 0.70 N 
17 1 "O4'" B DT 2019 ? ? "C1'" B DT 2019 ? ? N1    B DT 2019 ? ? 103.23 108.00 -4.77  0.70 N 
18 1 N1    B DT 2020 ? ? "C1'" B DT 2020 ? ? "C2'" B DT 2020 ? ? 123.88 114.30 9.58   1.40 N 
19 1 "O4'" B DT 2020 ? ? "C1'" B DT 2020 ? ? N1    B DT 2020 ? ? 98.36  108.00 -9.64  0.70 N 
20 1 N3    B DT 2020 ? ? C4    B DT 2020 ? ? O4    B DT 2020 ? ? 123.91 119.90 4.01   0.60 N 
21 1 N1    B DC 2021 ? ? "C1'" B DC 2021 ? ? "C2'" B DC 2021 ? ? 122.84 114.30 8.54   1.40 N 
22 1 "O4'" B DC 2021 ? ? "C1'" B DC 2021 ? ? N1    B DC 2021 ? ? 96.65  108.00 -11.35 0.70 N 
23 1 "C3'" B DG 2022 ? ? "C2'" B DG 2022 ? ? "C1'" B DG 2022 ? ? 97.59  102.40 -4.81  0.80 N 
24 1 "O4'" B DG 2024 ? ? "C1'" B DG 2024 ? ? N9    B DG 2024 ? ? 103.70 108.00 -4.30  0.70 N 
# 
_struct_site_keywords.site_id   1 
_struct_site_keywords.text      'MINOR GROOVE BINDER' 
# 
loop_
_chem_comp_atom.comp_id 
_chem_comp_atom.atom_id 
_chem_comp_atom.type_symbol 
_chem_comp_atom.pdbx_aromatic_flag 
_chem_comp_atom.pdbx_stereo_config 
_chem_comp_atom.pdbx_ordinal 
CGQ C1     C  Y N 1   
CGQ C2     C  Y N 2   
CGQ C3     C  Y N 3   
CGQ C4     C  Y N 4   
CGQ C5     C  Y N 5   
CGQ C6     C  Y N 6   
CGQ C7     C  N N 7   
CGQ N8     N  N N 8   
CGQ C9     C  N N 9   
CGQ N10    N  N N 10  
CGQ N11    N  N N 11  
CGQ N12    N  N N 12  
CGQ C13    C  N N 13  
CGQ N15    N  N N 14  
CGQ N19    N  N N 15  
CGQ N20    N  N N 16  
CGQ C21    C  N N 17  
CGQ C22    C  Y N 18  
CGQ C23    C  Y N 19  
CGQ C24    C  Y N 20  
CGQ C25    C  Y N 21  
CGQ C26    C  Y N 22  
CGQ C27    C  Y N 23  
CGQ C28    C  N N 24  
CGQ N29    N  N N 25  
CGQ N30    N  N N 26  
CGQ H21    H  N N 27  
CGQ H41    H  N N 28  
CGQ H51    H  N N 29  
CGQ H61    H  N N 30  
CGQ H71    H  N N 31  
CGQ H101   H  N N 32  
CGQ H102   H  N N 33  
CGQ H111   H  N N 34  
CGQ H112   H  N N 35  
CGQ H121   H  N N 36  
CGQ H151   H  N N 37  
CGQ H152   H  N N 38  
CGQ H191   H  N N 39  
CGQ H211   H  N N 40  
CGQ H231   H  N N 41  
CGQ H241   H  N N 42  
CGQ H251   H  N N 43  
CGQ H271   H  N N 44  
CGQ H291   H  N N 45  
CGQ H292   H  N N 46  
CGQ H301   H  N N 47  
CGQ H302   H  N N 48  
DA  OP3    O  N N 49  
DA  P      P  N N 50  
DA  OP1    O  N N 51  
DA  OP2    O  N N 52  
DA  "O5'"  O  N N 53  
DA  "C5'"  C  N N 54  
DA  "C4'"  C  N R 55  
DA  "O4'"  O  N N 56  
DA  "C3'"  C  N S 57  
DA  "O3'"  O  N N 58  
DA  "C2'"  C  N N 59  
DA  "C1'"  C  N R 60  
DA  N9     N  Y N 61  
DA  C8     C  Y N 62  
DA  N7     N  Y N 63  
DA  C5     C  Y N 64  
DA  C6     C  Y N 65  
DA  N6     N  N N 66  
DA  N1     N  Y N 67  
DA  C2     C  Y N 68  
DA  N3     N  Y N 69  
DA  C4     C  Y N 70  
DA  HOP3   H  N N 71  
DA  HOP2   H  N N 72  
DA  "H5'"  H  N N 73  
DA  "H5''" H  N N 74  
DA  "H4'"  H  N N 75  
DA  "H3'"  H  N N 76  
DA  "HO3'" H  N N 77  
DA  "H2'"  H  N N 78  
DA  "H2''" H  N N 79  
DA  "H1'"  H  N N 80  
DA  H8     H  N N 81  
DA  H61    H  N N 82  
DA  H62    H  N N 83  
DA  H2     H  N N 84  
DC  OP3    O  N N 85  
DC  P      P  N N 86  
DC  OP1    O  N N 87  
DC  OP2    O  N N 88  
DC  "O5'"  O  N N 89  
DC  "C5'"  C  N N 90  
DC  "C4'"  C  N R 91  
DC  "O4'"  O  N N 92  
DC  "C3'"  C  N S 93  
DC  "O3'"  O  N N 94  
DC  "C2'"  C  N N 95  
DC  "C1'"  C  N R 96  
DC  N1     N  N N 97  
DC  C2     C  N N 98  
DC  O2     O  N N 99  
DC  N3     N  N N 100 
DC  C4     C  N N 101 
DC  N4     N  N N 102 
DC  C5     C  N N 103 
DC  C6     C  N N 104 
DC  HOP3   H  N N 105 
DC  HOP2   H  N N 106 
DC  "H5'"  H  N N 107 
DC  "H5''" H  N N 108 
DC  "H4'"  H  N N 109 
DC  "H3'"  H  N N 110 
DC  "HO3'" H  N N 111 
DC  "H2'"  H  N N 112 
DC  "H2''" H  N N 113 
DC  "H1'"  H  N N 114 
DC  H41    H  N N 115 
DC  H42    H  N N 116 
DC  H5     H  N N 117 
DC  H6     H  N N 118 
DG  OP3    O  N N 119 
DG  P      P  N N 120 
DG  OP1    O  N N 121 
DG  OP2    O  N N 122 
DG  "O5'"  O  N N 123 
DG  "C5'"  C  N N 124 
DG  "C4'"  C  N R 125 
DG  "O4'"  O  N N 126 
DG  "C3'"  C  N S 127 
DG  "O3'"  O  N N 128 
DG  "C2'"  C  N N 129 
DG  "C1'"  C  N R 130 
DG  N9     N  Y N 131 
DG  C8     C  Y N 132 
DG  N7     N  Y N 133 
DG  C5     C  Y N 134 
DG  C6     C  N N 135 
DG  O6     O  N N 136 
DG  N1     N  N N 137 
DG  C2     C  N N 138 
DG  N2     N  N N 139 
DG  N3     N  N N 140 
DG  C4     C  Y N 141 
DG  HOP3   H  N N 142 
DG  HOP2   H  N N 143 
DG  "H5'"  H  N N 144 
DG  "H5''" H  N N 145 
DG  "H4'"  H  N N 146 
DG  "H3'"  H  N N 147 
DG  "HO3'" H  N N 148 
DG  "H2'"  H  N N 149 
DG  "H2''" H  N N 150 
DG  "H1'"  H  N N 151 
DG  H8     H  N N 152 
DG  H1     H  N N 153 
DG  H21    H  N N 154 
DG  H22    H  N N 155 
DT  OP3    O  N N 156 
DT  P      P  N N 157 
DT  OP1    O  N N 158 
DT  OP2    O  N N 159 
DT  "O5'"  O  N N 160 
DT  "C5'"  C  N N 161 
DT  "C4'"  C  N R 162 
DT  "O4'"  O  N N 163 
DT  "C3'"  C  N S 164 
DT  "O3'"  O  N N 165 
DT  "C2'"  C  N N 166 
DT  "C1'"  C  N R 167 
DT  N1     N  N N 168 
DT  C2     C  N N 169 
DT  O2     O  N N 170 
DT  N3     N  N N 171 
DT  C4     C  N N 172 
DT  O4     O  N N 173 
DT  C5     C  N N 174 
DT  C7     C  N N 175 
DT  C6     C  N N 176 
DT  HOP3   H  N N 177 
DT  HOP2   H  N N 178 
DT  "H5'"  H  N N 179 
DT  "H5''" H  N N 180 
DT  "H4'"  H  N N 181 
DT  "H3'"  H  N N 182 
DT  "HO3'" H  N N 183 
DT  "H2'"  H  N N 184 
DT  "H2''" H  N N 185 
DT  "H1'"  H  N N 186 
DT  H3     H  N N 187 
DT  H71    H  N N 188 
DT  H72    H  N N 189 
DT  H73    H  N N 190 
DT  H6     H  N N 191 
HOH O      O  N N 192 
HOH H1     H  N N 193 
HOH H2     H  N N 194 
MG  MG     MG N N 195 
# 
loop_
_chem_comp_bond.comp_id 
_chem_comp_bond.atom_id_1 
_chem_comp_bond.atom_id_2 
_chem_comp_bond.value_order 
_chem_comp_bond.pdbx_aromatic_flag 
_chem_comp_bond.pdbx_stereo_config 
_chem_comp_bond.pdbx_ordinal 
CGQ C1    C2     doub Y N 1   
CGQ C1    C6     sing Y N 2   
CGQ C1    C9     sing N N 3   
CGQ C2    C3     sing Y N 4   
CGQ C2    H21    sing N N 5   
CGQ C3    C4     doub Y N 6   
CGQ C3    C7     sing N N 7   
CGQ C4    C5     sing Y N 8   
CGQ C4    H41    sing N N 9   
CGQ C5    C6     doub Y N 10  
CGQ C5    H51    sing N N 11  
CGQ C6    H61    sing N N 12  
CGQ C7    N8     doub N E 13  
CGQ C7    H71    sing N N 14  
CGQ N8    N12    sing N N 15  
CGQ C9    N10    doub N N 16  
CGQ C9    N11    sing N N 17  
CGQ N10   H101   sing N N 18  
CGQ N10   H102   sing N N 19  
CGQ N11   H111   sing N N 20  
CGQ N11   H112   sing N N 21  
CGQ N12   C13    sing N N 22  
CGQ N12   H121   sing N N 23  
CGQ C13   N15    sing N N 24  
CGQ C13   N19    doub N E 25  
CGQ N15   H151   sing N N 26  
CGQ N15   H152   sing N N 27  
CGQ N19   N20    sing N N 28  
CGQ N19   H191   sing N N 29  
CGQ N20   C21    doub N N 30  
CGQ C21   C22    sing N N 31  
CGQ C21   H211   sing N N 32  
CGQ C22   C23    doub Y N 33  
CGQ C22   C27    sing Y N 34  
CGQ C23   C24    sing Y N 35  
CGQ C23   H231   sing N N 36  
CGQ C24   C25    doub Y N 37  
CGQ C24   H241   sing N N 38  
CGQ C25   C26    sing Y N 39  
CGQ C25   H251   sing N N 40  
CGQ C26   C27    doub Y N 41  
CGQ C26   C28    sing N N 42  
CGQ C27   H271   sing N N 43  
CGQ C28   N29    doub N N 44  
CGQ C28   N30    sing N N 45  
CGQ N29   H291   sing N N 46  
CGQ N29   H292   sing N N 47  
CGQ N30   H301   sing N N 48  
CGQ N30   H302   sing N N 49  
DA  OP3   P      sing N N 50  
DA  OP3   HOP3   sing N N 51  
DA  P     OP1    doub N N 52  
DA  P     OP2    sing N N 53  
DA  P     "O5'"  sing N N 54  
DA  OP2   HOP2   sing N N 55  
DA  "O5'" "C5'"  sing N N 56  
DA  "C5'" "C4'"  sing N N 57  
DA  "C5'" "H5'"  sing N N 58  
DA  "C5'" "H5''" sing N N 59  
DA  "C4'" "O4'"  sing N N 60  
DA  "C4'" "C3'"  sing N N 61  
DA  "C4'" "H4'"  sing N N 62  
DA  "O4'" "C1'"  sing N N 63  
DA  "C3'" "O3'"  sing N N 64  
DA  "C3'" "C2'"  sing N N 65  
DA  "C3'" "H3'"  sing N N 66  
DA  "O3'" "HO3'" sing N N 67  
DA  "C2'" "C1'"  sing N N 68  
DA  "C2'" "H2'"  sing N N 69  
DA  "C2'" "H2''" sing N N 70  
DA  "C1'" N9     sing N N 71  
DA  "C1'" "H1'"  sing N N 72  
DA  N9    C8     sing Y N 73  
DA  N9    C4     sing Y N 74  
DA  C8    N7     doub Y N 75  
DA  C8    H8     sing N N 76  
DA  N7    C5     sing Y N 77  
DA  C5    C6     sing Y N 78  
DA  C5    C4     doub Y N 79  
DA  C6    N6     sing N N 80  
DA  C6    N1     doub Y N 81  
DA  N6    H61    sing N N 82  
DA  N6    H62    sing N N 83  
DA  N1    C2     sing Y N 84  
DA  C2    N3     doub Y N 85  
DA  C2    H2     sing N N 86  
DA  N3    C4     sing Y N 87  
DC  OP3   P      sing N N 88  
DC  OP3   HOP3   sing N N 89  
DC  P     OP1    doub N N 90  
DC  P     OP2    sing N N 91  
DC  P     "O5'"  sing N N 92  
DC  OP2   HOP2   sing N N 93  
DC  "O5'" "C5'"  sing N N 94  
DC  "C5'" "C4'"  sing N N 95  
DC  "C5'" "H5'"  sing N N 96  
DC  "C5'" "H5''" sing N N 97  
DC  "C4'" "O4'"  sing N N 98  
DC  "C4'" "C3'"  sing N N 99  
DC  "C4'" "H4'"  sing N N 100 
DC  "O4'" "C1'"  sing N N 101 
DC  "C3'" "O3'"  sing N N 102 
DC  "C3'" "C2'"  sing N N 103 
DC  "C3'" "H3'"  sing N N 104 
DC  "O3'" "HO3'" sing N N 105 
DC  "C2'" "C1'"  sing N N 106 
DC  "C2'" "H2'"  sing N N 107 
DC  "C2'" "H2''" sing N N 108 
DC  "C1'" N1     sing N N 109 
DC  "C1'" "H1'"  sing N N 110 
DC  N1    C2     sing N N 111 
DC  N1    C6     sing N N 112 
DC  C2    O2     doub N N 113 
DC  C2    N3     sing N N 114 
DC  N3    C4     doub N N 115 
DC  C4    N4     sing N N 116 
DC  C4    C5     sing N N 117 
DC  N4    H41    sing N N 118 
DC  N4    H42    sing N N 119 
DC  C5    C6     doub N N 120 
DC  C5    H5     sing N N 121 
DC  C6    H6     sing N N 122 
DG  OP3   P      sing N N 123 
DG  OP3   HOP3   sing N N 124 
DG  P     OP1    doub N N 125 
DG  P     OP2    sing N N 126 
DG  P     "O5'"  sing N N 127 
DG  OP2   HOP2   sing N N 128 
DG  "O5'" "C5'"  sing N N 129 
DG  "C5'" "C4'"  sing N N 130 
DG  "C5'" "H5'"  sing N N 131 
DG  "C5'" "H5''" sing N N 132 
DG  "C4'" "O4'"  sing N N 133 
DG  "C4'" "C3'"  sing N N 134 
DG  "C4'" "H4'"  sing N N 135 
DG  "O4'" "C1'"  sing N N 136 
DG  "C3'" "O3'"  sing N N 137 
DG  "C3'" "C2'"  sing N N 138 
DG  "C3'" "H3'"  sing N N 139 
DG  "O3'" "HO3'" sing N N 140 
DG  "C2'" "C1'"  sing N N 141 
DG  "C2'" "H2'"  sing N N 142 
DG  "C2'" "H2''" sing N N 143 
DG  "C1'" N9     sing N N 144 
DG  "C1'" "H1'"  sing N N 145 
DG  N9    C8     sing Y N 146 
DG  N9    C4     sing Y N 147 
DG  C8    N7     doub Y N 148 
DG  C8    H8     sing N N 149 
DG  N7    C5     sing Y N 150 
DG  C5    C6     sing N N 151 
DG  C5    C4     doub Y N 152 
DG  C6    O6     doub N N 153 
DG  C6    N1     sing N N 154 
DG  N1    C2     sing N N 155 
DG  N1    H1     sing N N 156 
DG  C2    N2     sing N N 157 
DG  C2    N3     doub N N 158 
DG  N2    H21    sing N N 159 
DG  N2    H22    sing N N 160 
DG  N3    C4     sing N N 161 
DT  OP3   P      sing N N 162 
DT  OP3   HOP3   sing N N 163 
DT  P     OP1    doub N N 164 
DT  P     OP2    sing N N 165 
DT  P     "O5'"  sing N N 166 
DT  OP2   HOP2   sing N N 167 
DT  "O5'" "C5'"  sing N N 168 
DT  "C5'" "C4'"  sing N N 169 
DT  "C5'" "H5'"  sing N N 170 
DT  "C5'" "H5''" sing N N 171 
DT  "C4'" "O4'"  sing N N 172 
DT  "C4'" "C3'"  sing N N 173 
DT  "C4'" "H4'"  sing N N 174 
DT  "O4'" "C1'"  sing N N 175 
DT  "C3'" "O3'"  sing N N 176 
DT  "C3'" "C2'"  sing N N 177 
DT  "C3'" "H3'"  sing N N 178 
DT  "O3'" "HO3'" sing N N 179 
DT  "C2'" "C1'"  sing N N 180 
DT  "C2'" "H2'"  sing N N 181 
DT  "C2'" "H2''" sing N N 182 
DT  "C1'" N1     sing N N 183 
DT  "C1'" "H1'"  sing N N 184 
DT  N1    C2     sing N N 185 
DT  N1    C6     sing N N 186 
DT  C2    O2     doub N N 187 
DT  C2    N3     sing N N 188 
DT  N3    C4     sing N N 189 
DT  N3    H3     sing N N 190 
DT  C4    O4     doub N N 191 
DT  C4    C5     sing N N 192 
DT  C5    C7     sing N N 193 
DT  C5    C6     doub N N 194 
DT  C7    H71    sing N N 195 
DT  C7    H72    sing N N 196 
DT  C7    H73    sing N N 197 
DT  C6    H6     sing N N 198 
HOH O     H1     sing N N 199 
HOH O     H2     sing N N 200 
# 
loop_
_ndb_struct_conf_na.entry_id 
_ndb_struct_conf_na.feature 
1M6F 'double helix'        
1M6F 'b-form double helix' 
# 
loop_
_ndb_struct_na_base_pair.model_number 
_ndb_struct_na_base_pair.i_label_asym_id 
_ndb_struct_na_base_pair.i_label_comp_id 
_ndb_struct_na_base_pair.i_label_seq_id 
_ndb_struct_na_base_pair.i_symmetry 
_ndb_struct_na_base_pair.j_label_asym_id 
_ndb_struct_na_base_pair.j_label_comp_id 
_ndb_struct_na_base_pair.j_label_seq_id 
_ndb_struct_na_base_pair.j_symmetry 
_ndb_struct_na_base_pair.shear 
_ndb_struct_na_base_pair.stretch 
_ndb_struct_na_base_pair.stagger 
_ndb_struct_na_base_pair.buckle 
_ndb_struct_na_base_pair.propeller 
_ndb_struct_na_base_pair.opening 
_ndb_struct_na_base_pair.pair_number 
_ndb_struct_na_base_pair.pair_name 
_ndb_struct_na_base_pair.i_auth_asym_id 
_ndb_struct_na_base_pair.i_auth_seq_id 
_ndb_struct_na_base_pair.i_PDB_ins_code 
_ndb_struct_na_base_pair.j_auth_asym_id 
_ndb_struct_na_base_pair.j_auth_seq_id 
_ndb_struct_na_base_pair.j_PDB_ins_code 
_ndb_struct_na_base_pair.hbond_type_28 
_ndb_struct_na_base_pair.hbond_type_12 
1 A DC 1  1_555 B DG 12 1_555 0.289  -0.123 0.021  3.244  -21.070 1.610  1  A_DC1001:DG2024_B A 1001 ? B 2024 ? 19 1 
1 A DG 2  1_555 B DC 11 1_555 -0.076 -0.124 0.050  -2.095 -3.969  -3.862 2  A_DG1002:DC2023_B A 1002 ? B 2023 ? 19 1 
1 A DC 3  1_555 B DG 10 1_555 0.179  -0.158 0.245  -2.376 -4.947  0.609  3  A_DC1003:DG2022_B A 1003 ? B 2022 ? 19 1 
1 A DG 4  1_555 B DC 9  1_555 -0.365 -0.177 -0.043 10.292 -8.114  -2.845 4  A_DG1004:DC2021_B A 1004 ? B 2021 ? 19 1 
1 A DA 5  1_555 B DT 8  1_555 0.189  -0.195 -0.443 3.942  -20.661 4.985  5  A_DA1005:DT2020_B A 1005 ? B 2020 ? 20 1 
1 A DA 6  1_555 B DT 7  1_555 0.183  -0.189 -0.027 0.562  -13.458 6.953  6  A_DA1006:DT2019_B A 1006 ? B 2019 ? 20 1 
1 A DT 7  1_555 B DA 6  1_555 -0.136 -0.182 0.007  0.724  -14.353 10.298 7  A_DT1007:DA2018_B A 1007 ? B 2018 ? 20 1 
1 A DT 8  1_555 B DA 5  1_555 -0.109 -0.233 -0.304 -2.084 -18.398 5.279  8  A_DT1008:DA2017_B A 1008 ? B 2017 ? 20 1 
1 A DC 9  1_555 B DG 4  1_555 0.053  -0.177 -0.059 -8.031 -8.661  0.197  9  A_DC1009:DG2016_B A 1009 ? B 2016 ? 19 1 
1 A DG 10 1_555 B DC 3  1_555 -0.068 -0.242 0.266  7.225  -8.021  -1.245 10 A_DG1010:DC2015_B A 1010 ? B 2015 ? 19 1 
1 A DC 11 1_555 B DG 2  1_555 0.195  -0.174 0.371  7.457  -25.121 -3.478 11 A_DC1011:DG2014_B A 1011 ? B 2014 ? 19 1 
1 A DG 12 1_555 B DC 1  1_555 -0.428 -0.226 -0.316 9.995  25.409  -2.811 12 A_DG1012:DC2013_B A 1012 ? B 2013 ? 19 1 
# 
loop_
_ndb_struct_na_base_pair_step.model_number 
_ndb_struct_na_base_pair_step.i_label_asym_id_1 
_ndb_struct_na_base_pair_step.i_label_comp_id_1 
_ndb_struct_na_base_pair_step.i_label_seq_id_1 
_ndb_struct_na_base_pair_step.i_symmetry_1 
_ndb_struct_na_base_pair_step.j_label_asym_id_1 
_ndb_struct_na_base_pair_step.j_label_comp_id_1 
_ndb_struct_na_base_pair_step.j_label_seq_id_1 
_ndb_struct_na_base_pair_step.j_symmetry_1 
_ndb_struct_na_base_pair_step.i_label_asym_id_2 
_ndb_struct_na_base_pair_step.i_label_comp_id_2 
_ndb_struct_na_base_pair_step.i_label_seq_id_2 
_ndb_struct_na_base_pair_step.i_symmetry_2 
_ndb_struct_na_base_pair_step.j_label_asym_id_2 
_ndb_struct_na_base_pair_step.j_label_comp_id_2 
_ndb_struct_na_base_pair_step.j_label_seq_id_2 
_ndb_struct_na_base_pair_step.j_symmetry_2 
_ndb_struct_na_base_pair_step.shift 
_ndb_struct_na_base_pair_step.slide 
_ndb_struct_na_base_pair_step.rise 
_ndb_struct_na_base_pair_step.tilt 
_ndb_struct_na_base_pair_step.roll 
_ndb_struct_na_base_pair_step.twist 
_ndb_struct_na_base_pair_step.x_displacement 
_ndb_struct_na_base_pair_step.y_displacement 
_ndb_struct_na_base_pair_step.helical_rise 
_ndb_struct_na_base_pair_step.inclination 
_ndb_struct_na_base_pair_step.tip 
_ndb_struct_na_base_pair_step.helical_twist 
_ndb_struct_na_base_pair_step.step_number 
_ndb_struct_na_base_pair_step.step_name 
_ndb_struct_na_base_pair_step.i_auth_asym_id_1 
_ndb_struct_na_base_pair_step.i_auth_seq_id_1 
_ndb_struct_na_base_pair_step.i_PDB_ins_code_1 
_ndb_struct_na_base_pair_step.j_auth_asym_id_1 
_ndb_struct_na_base_pair_step.j_auth_seq_id_1 
_ndb_struct_na_base_pair_step.j_PDB_ins_code_1 
_ndb_struct_na_base_pair_step.i_auth_asym_id_2 
_ndb_struct_na_base_pair_step.i_auth_seq_id_2 
_ndb_struct_na_base_pair_step.i_PDB_ins_code_2 
_ndb_struct_na_base_pair_step.j_auth_asym_id_2 
_ndb_struct_na_base_pair_step.j_auth_seq_id_2 
_ndb_struct_na_base_pair_step.j_PDB_ins_code_2 
1 A DC 1  1_555 B DG 12 1_555 A DG 2  1_555 B DC 11 1_555 -0.380 0.116  3.488 -0.017 6.516   32.538 -0.969 0.662  3.446 11.486  
0.030  33.167 1  AA_DC1001DG1002:DC2023DG2024_BB A 1001 ? B 2024 ? A 1002 ? B 2023 ? 
1 A DG 2  1_555 B DC 11 1_555 A DC 3  1_555 B DG 10 1_555 0.900  0.596  3.274 0.095  -1.771  42.658 0.996  -1.227 3.250 -2.433  
-0.130 42.693 2  AA_DG1002DC1003:DG2022DC2023_BB A 1002 ? B 2023 ? A 1003 ? B 2022 ? 
1 A DC 3  1_555 B DG 10 1_555 A DG 4  1_555 B DC 9  1_555 -0.422 0.603  3.220 4.463  8.925   25.127 -0.996 2.048  3.127 19.558  
-9.780 27.007 3  AA_DC1003DG1004:DC2021DG2022_BB A 1003 ? B 2022 ? A 1004 ? B 2021 ? 
1 A DG 4  1_555 B DC 9  1_555 A DA 5  1_555 B DT 8  1_555 0.044  0.173  3.459 3.321  5.221   40.012 -0.371 0.331  3.447 7.575   
-4.819 40.468 4  AA_DG1004DA1005:DT2020DC2021_BB A 1004 ? B 2021 ? A 1005 ? B 2020 ? 
1 A DA 5  1_555 B DT 8  1_555 A DA 6  1_555 B DT 7  1_555 0.277  -0.230 3.219 -3.640 5.691   35.628 -1.149 -0.944 3.104 9.199   
5.884  36.242 5  AA_DA1005DA1006:DT2019DT2020_BB A 1005 ? B 2020 ? A 1006 ? B 2019 ? 
1 A DA 6  1_555 B DT 7  1_555 A DT 7  1_555 B DA 6  1_555 0.083  -0.467 3.197 -0.323 -0.810  28.279 -0.771 -0.242 3.208 -1.658  
0.661  28.292 6  AA_DA1006DT1007:DA2018DT2019_BB A 1006 ? B 2019 ? A 1007 ? B 2018 ? 
1 A DT 7  1_555 B DA 6  1_555 A DT 8  1_555 B DA 5  1_555 -0.428 -0.028 3.217 3.088  1.033   37.479 -0.174 1.057  3.172 1.603   
-4.795 37.615 7  AA_DT1007DT1008:DA2017DA2018_BB A 1007 ? B 2018 ? A 1008 ? B 2017 ? 
1 A DT 8  1_555 B DA 5  1_555 A DC 9  1_555 B DG 4  1_555 -0.022 0.221  3.413 0.409  -0.818  41.797 0.399  0.075  3.408 -1.146  
-0.573 41.807 8  AA_DT1008DC1009:DG2016DA2017_BB A 1008 ? B 2017 ? A 1009 ? B 2016 ? 
1 A DC 9  1_555 B DG 4  1_555 A DG 10 1_555 B DC 3  1_555 0.369  1.063  3.211 -3.003 9.095   26.606 -0.002 -1.476 3.325 18.998  
6.272  28.248 9  AA_DC1009DG1010:DC2015DG2016_BB A 1009 ? B 2016 ? A 1010 ? B 2015 ? 
1 A DG 10 1_555 B DC 3  1_555 A DC 11 1_555 B DG 2  1_555 -1.028 0.790  3.310 -5.556 -13.595 44.819 2.108  0.830  3.060 -17.290 
7.066  47.046 10 AA_DG1010DC1011:DG2014DC2015_BB A 1010 ? B 2015 ? A 1011 ? B 2014 ? 
1 A DC 11 1_555 B DG 2  1_555 A DG 12 1_555 B DC 1  1_555 1.450  0.583  3.574 5.717  -12.408 32.438 3.010  -1.460 3.338 -21.083 
-9.715 35.126 11 AA_DC1011DG1012:DC2013DG2014_BB A 1011 ? B 2014 ? A 1012 ? B 2013 ? 
# 
_pdbx_initial_refinement_model.accession_code   2DBE 
_pdbx_initial_refinement_model.id               1 
_pdbx_initial_refinement_model.entity_id_list   ? 
_pdbx_initial_refinement_model.type             'experimental model' 
_pdbx_initial_refinement_model.source_name      PDB 
_pdbx_initial_refinement_model.details          'DNA PART OF NDB ENTRY GDL009' 
# 
_atom_sites.entry_id                    1M6F 
_atom_sites.fract_transf_matrix[1][1]   -0.00540150 
_atom_sites.fract_transf_matrix[1][2]   -0.01998982 
_atom_sites.fract_transf_matrix[1][3]   -0.03596154 
_atom_sites.fract_transf_matrix[2][1]   -0.01826797 
_atom_sites.fract_transf_matrix[2][2]   -0.01374847 
_atom_sites.fract_transf_matrix[2][3]   0.01038620 
_atom_sites.fract_transf_matrix[3][1]   -0.01026637 
_atom_sites.fract_transf_matrix[3][2]   0.01042739 
_atom_sites.fract_transf_matrix[3][3]   -0.00425421 
_atom_sites.fract_transf_vector[1]      0.566512 
_atom_sites.fract_transf_vector[2]      0.523474 
_atom_sites.fract_transf_vector[3]      0.151113 
# 
loop_
_atom_type.symbol 
C  
MG 
N  
O  
P  
# 
loop_
_atom_site.group_PDB 
_atom_site.id 
_atom_site.type_symbol 
_atom_site.label_atom_id 
_atom_site.label_alt_id 
_atom_site.label_comp_id 
_atom_site.label_asym_id 
_atom_site.label_entity_id 
_atom_site.label_seq_id 
_atom_site.pdbx_PDB_ins_code 
_atom_site.Cartn_x 
_atom_site.Cartn_y 
_atom_site.Cartn_z 
_atom_site.occupancy 
_atom_site.B_iso_or_equiv 
_atom_site.pdbx_formal_charge 
_atom_site.auth_seq_id 
_atom_site.auth_comp_id 
_atom_site.auth_asym_id 
_atom_site.auth_atom_id 
_atom_site.pdbx_PDB_model_num 
ATOM   1   O  "O5'" . DC  A 1 1  ? -20.082 -0.421  -3.625  1.00 23.87 ? 1001 DC  A "O5'" 1 
ATOM   2   C  "C5'" . DC  A 1 1  ? -19.401 0.823   -3.455  1.00 22.40 ? 1001 DC  A "C5'" 1 
ATOM   3   C  "C4'" . DC  A 1 1  ? -18.606 1.154   -4.694  1.00 22.18 ? 1001 DC  A "C4'" 1 
ATOM   4   O  "O4'" . DC  A 1 1  ? -18.021 2.473   -4.594  1.00 25.61 ? 1001 DC  A "O4'" 1 
ATOM   5   C  "C3'" . DC  A 1 1  ? -17.439 0.202   -4.958  1.00 27.36 ? 1001 DC  A "C3'" 1 
ATOM   6   O  "O3'" . DC  A 1 1  ? -17.363 -0.104  -6.338  1.00 22.51 ? 1001 DC  A "O3'" 1 
ATOM   7   C  "C2'" . DC  A 1 1  ? -16.248 0.968   -4.441  1.00 21.31 ? 1001 DC  A "C2'" 1 
ATOM   8   C  "C1'" . DC  A 1 1  ? -16.609 2.394   -4.839  1.00 22.39 ? 1001 DC  A "C1'" 1 
ATOM   9   N  N1    . DC  A 1 1  ? -16.137 3.470   -4.055  1.00 20.54 ? 1001 DC  A N1    1 
ATOM   10  C  C2    . DC  A 1 1  ? -15.740 4.638   -4.736  1.00 23.27 ? 1001 DC  A C2    1 
ATOM   11  O  O2    . DC  A 1 1  ? -15.842 4.613   -5.970  1.00 30.20 ? 1001 DC  A O2    1 
ATOM   12  N  N3    . DC  A 1 1  ? -15.286 5.691   -4.043  1.00 21.94 ? 1001 DC  A N3    1 
ATOM   13  C  C4    . DC  A 1 1  ? -15.203 5.644   -2.711  1.00 19.75 ? 1001 DC  A C4    1 
ATOM   14  N  N4    . DC  A 1 1  ? -14.742 6.712   -2.039  1.00 19.95 ? 1001 DC  A N4    1 
ATOM   15  C  C5    . DC  A 1 1  ? -15.598 4.473   -1.987  1.00 18.30 ? 1001 DC  A C5    1 
ATOM   16  C  C6    . DC  A 1 1  ? -16.049 3.440   -2.694  1.00 18.60 ? 1001 DC  A C6    1 
ATOM   17  P  P     . DG  A 1 2  ? -16.321 -1.154  -6.947  1.00 25.99 ? 1002 DG  A P     1 
ATOM   18  O  OP1   . DG  A 1 2  ? -16.939 -1.762  -8.164  1.00 27.54 ? 1002 DG  A OP1   1 
ATOM   19  O  OP2   . DG  A 1 2  ? -15.798 -2.060  -5.876  1.00 24.63 ? 1002 DG  A OP2   1 
ATOM   20  O  "O5'" . DG  A 1 2  ? -15.114 -0.246  -7.454  1.00 29.62 ? 1002 DG  A "O5'" 1 
ATOM   21  C  "C5'" . DG  A 1 2  ? -15.262 0.523   -8.655  1.00 26.37 ? 1002 DG  A "C5'" 1 
ATOM   22  C  "C4'" . DG  A 1 2  ? -13.883 0.963   -9.098  1.00 22.85 ? 1002 DG  A "C4'" 1 
ATOM   23  O  "O4'" . DG  A 1 2  ? -13.405 2.052   -8.276  1.00 23.45 ? 1002 DG  A "O4'" 1 
ATOM   24  C  "C3'" . DG  A 1 2  ? -12.817 -0.116  -8.989  1.00 20.93 ? 1002 DG  A "C3'" 1 
ATOM   25  O  "O3'" . DG  A 1 2  ? -11.899 -0.025  -10.054 1.00 23.06 ? 1002 DG  A "O3'" 1 
ATOM   26  C  "C2'" . DG  A 1 2  ? -12.156 0.167   -7.655  1.00 20.16 ? 1002 DG  A "C2'" 1 
ATOM   27  C  "C1'" . DG  A 1 2  ? -12.185 1.695   -7.635  1.00 21.87 ? 1002 DG  A "C1'" 1 
ATOM   28  N  N9    . DG  A 1 2  ? -12.225 2.356   -6.328  1.00 22.85 ? 1002 DG  A N9    1 
ATOM   29  C  C8    . DG  A 1 2  ? -12.630 1.874   -5.104  1.00 19.04 ? 1002 DG  A C8    1 
ATOM   30  N  N7    . DG  A 1 2  ? -12.522 2.768   -4.153  1.00 19.42 ? 1002 DG  A N7    1 
ATOM   31  C  C5    . DG  A 1 2  ? -12.021 3.901   -4.779  1.00 16.66 ? 1002 DG  A C5    1 
ATOM   32  C  C6    . DG  A 1 2  ? -11.703 5.180   -4.238  1.00 20.57 ? 1002 DG  A C6    1 
ATOM   33  O  O6    . DG  A 1 2  ? -11.805 5.578   -3.067  1.00 16.86 ? 1002 DG  A O6    1 
ATOM   34  N  N1    . DG  A 1 2  ? -11.219 6.049   -5.219  1.00 18.23 ? 1002 DG  A N1    1 
ATOM   35  C  C2    . DG  A 1 2  ? -11.071 5.699   -6.548  1.00 18.56 ? 1002 DG  A C2    1 
ATOM   36  N  N2    . DG  A 1 2  ? -10.592 6.665   -7.337  1.00 17.23 ? 1002 DG  A N2    1 
ATOM   37  N  N3    . DG  A 1 2  ? -11.358 4.516   -7.074  1.00 16.49 ? 1002 DG  A N3    1 
ATOM   38  C  C4    . DG  A 1 2  ? -11.831 3.664   -6.126  1.00 21.64 ? 1002 DG  A C4    1 
ATOM   39  P  P     . DC  A 1 3  ? -10.788 -1.102  -10.461 1.00 28.66 ? 1003 DC  A P     1 
ATOM   40  O  OP1   . DC  A 1 3  ? -11.073 -1.455  -11.898 1.00 26.50 ? 1003 DC  A OP1   1 
ATOM   41  O  OP2   . DC  A 1 3  ? -10.647 -2.206  -9.482  1.00 23.31 ? 1003 DC  A OP2   1 
ATOM   42  O  "O5'" . DC  A 1 3  ? -9.431  -0.244  -10.473 1.00 25.32 ? 1003 DC  A "O5'" 1 
ATOM   43  C  "C5'" . DC  A 1 3  ? -9.314  0.842   -11.395 1.00 19.65 ? 1003 DC  A "C5'" 1 
ATOM   44  C  "C4'" . DC  A 1 3  ? -8.500  1.962   -10.807 1.00 22.77 ? 1003 DC  A "C4'" 1 
ATOM   45  O  "O4'" . DC  A 1 3  ? -9.041  2.418   -9.543  1.00 19.07 ? 1003 DC  A "O4'" 1 
ATOM   46  C  "C3'" . DC  A 1 3  ? -7.059  1.586   -10.472 1.00 30.33 ? 1003 DC  A "C3'" 1 
ATOM   47  O  "O3'" . DC  A 1 3  ? -6.235  1.799   -11.609 1.00 32.18 ? 1003 DC  A "O3'" 1 
ATOM   48  C  "C2'" . DC  A 1 3  ? -6.679  2.474   -9.323  1.00 30.59 ? 1003 DC  A "C2'" 1 
ATOM   49  C  "C1'" . DC  A 1 3  ? -7.986  3.060   -8.829  1.00 19.11 ? 1003 DC  A "C1'" 1 
ATOM   50  N  N1    . DC  A 1 3  ? -8.292  2.753   -7.483  1.00 25.40 ? 1003 DC  A N1    1 
ATOM   51  C  C2    . DC  A 1 3  ? -8.173  3.756   -6.516  1.00 23.41 ? 1003 DC  A C2    1 
ATOM   52  O  O2    . DC  A 1 3  ? -7.802  4.891   -6.862  1.00 17.29 ? 1003 DC  A O2    1 
ATOM   53  N  N3    . DC  A 1 3  ? -8.463  3.455   -5.234  1.00 21.13 ? 1003 DC  A N3    1 
ATOM   54  C  C4    . DC  A 1 3  ? -8.858  2.235   -4.884  1.00 23.05 ? 1003 DC  A C4    1 
ATOM   55  N  N4    . DC  A 1 3  ? -9.140  1.972   -3.607  1.00 25.30 ? 1003 DC  A N4    1 
ATOM   56  C  C5    . DC  A 1 3  ? -8.984  1.201   -5.859  1.00 24.12 ? 1003 DC  A C5    1 
ATOM   57  C  C6    . DC  A 1 3  ? -8.696  1.500   -7.124  1.00 22.11 ? 1003 DC  A C6    1 
ATOM   58  P  P     . DG  A 1 4  ? -4.760  1.134   -11.628 1.00 30.92 ? 1004 DG  A P     1 
ATOM   59  O  OP1   . DG  A 1 4  ? -4.426  0.899   -13.062 1.00 28.67 ? 1004 DG  A OP1   1 
ATOM   60  O  OP2   . DG  A 1 4  ? -4.680  0.024   -10.650 1.00 27.23 ? 1004 DG  A OP2   1 
ATOM   61  O  "O5'" . DG  A 1 4  ? -3.861  2.334   -11.078 1.00 25.05 ? 1004 DG  A "O5'" 1 
ATOM   62  C  "C5'" . DG  A 1 4  ? -3.996  3.660   -11.607 1.00 22.42 ? 1004 DG  A "C5'" 1 
ATOM   63  C  "C4'" . DG  A 1 4  ? -3.222  4.621   -10.737 1.00 29.38 ? 1004 DG  A "C4'" 1 
ATOM   64  O  "O4'" . DG  A 1 4  ? -3.793  4.673   -9.408  1.00 23.34 ? 1004 DG  A "O4'" 1 
ATOM   65  C  "C3'" . DG  A 1 4  ? -1.758  4.237   -10.546 1.00 31.29 ? 1004 DG  A "C3'" 1 
ATOM   66  O  "O3'" . DG  A 1 4  ? -0.911  5.370   -10.457 1.00 42.48 ? 1004 DG  A "O3'" 1 
ATOM   67  C  "C2'" . DG  A 1 4  ? -1.787  3.448   -9.255  1.00 26.35 ? 1004 DG  A "C2'" 1 
ATOM   68  C  "C1'" . DG  A 1 4  ? -2.844  4.219   -8.456  1.00 23.49 ? 1004 DG  A "C1'" 1 
ATOM   69  N  N9    . DG  A 1 4  ? -3.555  3.423   -7.451  1.00 19.79 ? 1004 DG  A N9    1 
ATOM   70  C  C8    . DG  A 1 4  ? -3.951  2.107   -7.506  1.00 17.85 ? 1004 DG  A C8    1 
ATOM   71  N  N7    . DG  A 1 4  ? -4.568  1.704   -6.427  1.00 22.75 ? 1004 DG  A N7    1 
ATOM   72  C  C5    . DG  A 1 4  ? -4.576  2.834   -5.613  1.00 16.18 ? 1004 DG  A C5    1 
ATOM   73  C  C6    . DG  A 1 4  ? -5.114  2.982   -4.320  1.00 19.32 ? 1004 DG  A C6    1 
ATOM   74  O  O6    . DG  A 1 4  ? -5.697  2.129   -3.636  1.00 22.95 ? 1004 DG  A O6    1 
ATOM   75  N  N1    . DG  A 1 4  ? -4.919  4.281   -3.831  1.00 21.83 ? 1004 DG  A N1    1 
ATOM   76  C  C2    . DG  A 1 4  ? -4.281  5.284   -4.529  1.00 23.13 ? 1004 DG  A C2    1 
ATOM   77  N  N2    . DG  A 1 4  ? -4.179  6.469   -3.917  1.00 27.44 ? 1004 DG  A N2    1 
ATOM   78  N  N3    . DG  A 1 4  ? -3.774  5.148   -5.746  1.00 21.88 ? 1004 DG  A N3    1 
ATOM   79  C  C4    . DG  A 1 4  ? -3.958  3.897   -6.226  1.00 24.13 ? 1004 DG  A C4    1 
ATOM   80  P  P     . DA  A 1 5  ? 0.684   5.248   -10.282 1.00 35.57 ? 1005 DA  A P     1 
ATOM   81  O  OP1   . DA  A 1 5  ? 1.383   6.044   -11.330 1.00 38.49 ? 1005 DA  A OP1   1 
ATOM   82  O  OP2   . DA  A 1 5  ? 1.115   3.850   -10.050 1.00 21.48 ? 1005 DA  A OP2   1 
ATOM   83  O  "O5'" . DA  A 1 5  ? 0.963   6.005   -8.891  1.00 27.81 ? 1005 DA  A "O5'" 1 
ATOM   84  C  "C5'" . DA  A 1 5  ? 0.259   7.222   -8.623  1.00 20.75 ? 1005 DA  A "C5'" 1 
ATOM   85  C  "C4'" . DA  A 1 5  ? 0.418   7.550   -7.158  1.00 22.05 ? 1005 DA  A "C4'" 1 
ATOM   86  O  "O4'" . DA  A 1 5  ? -0.309  6.601   -6.337  1.00 20.41 ? 1005 DA  A "O4'" 1 
ATOM   87  C  "C3'" . DA  A 1 5  ? 1.865   7.511   -6.661  1.00 21.25 ? 1005 DA  A "C3'" 1 
ATOM   88  O  "O3'" . DA  A 1 5  ? 2.134   8.618   -5.836  1.00 21.20 ? 1005 DA  A "O3'" 1 
ATOM   89  C  "C2'" . DA  A 1 5  ? 1.949   6.193   -5.916  1.00 20.08 ? 1005 DA  A "C2'" 1 
ATOM   90  C  "C1'" . DA  A 1 5  ? 0.548   6.115   -5.314  1.00 16.01 ? 1005 DA  A "C1'" 1 
ATOM   91  N  N9    . DA  A 1 5  ? -0.095  4.824   -5.031  1.00 15.22 ? 1005 DA  A N9    1 
ATOM   92  C  C8    . DA  A 1 5  ? 0.019   3.775   -5.907  1.00 26.41 ? 1005 DA  A C8    1 
ATOM   93  N  N7    . DA  A 1 5  ? -0.608  2.694   -5.515  1.00 23.57 ? 1005 DA  A N7    1 
ATOM   94  C  C5    . DA  A 1 5  ? -1.172  3.044   -4.305  1.00 22.02 ? 1005 DA  A C5    1 
ATOM   95  C  C6    . DA  A 1 5  ? -1.963  2.323   -3.397  1.00 24.26 ? 1005 DA  A C6    1 
ATOM   96  N  N6    . DA  A 1 5  ? -2.332  1.047   -3.578  1.00 21.14 ? 1005 DA  A N6    1 
ATOM   97  N  N1    . DA  A 1 5  ? -2.353  2.985   -2.286  1.00 22.31 ? 1005 DA  A N1    1 
ATOM   98  C  C2    . DA  A 1 5  ? -1.982  4.256   -2.111  1.00 30.32 ? 1005 DA  A C2    1 
ATOM   99  N  N3    . DA  A 1 5  ? -1.237  5.039   -2.900  1.00 25.42 ? 1005 DA  A N3    1 
ATOM   100 C  C4    . DA  A 1 5  ? -0.861  4.361   -3.996  1.00 17.90 ? 1005 DA  A C4    1 
ATOM   101 P  P     . DA  A 1 6  ? 3.500   8.796   -4.986  1.00 22.11 ? 1006 DA  A P     1 
ATOM   102 O  OP1   . DA  A 1 6  ? 3.658   10.270  -4.697  1.00 19.32 ? 1006 DA  A OP1   1 
ATOM   103 O  OP2   . DA  A 1 6  ? 4.572   8.048   -5.688  1.00 18.15 ? 1006 DA  A OP2   1 
ATOM   104 O  "O5'" . DA  A 1 6  ? 3.176   8.097   -3.610  1.00 19.23 ? 1006 DA  A "O5'" 1 
ATOM   105 C  "C5'" . DA  A 1 6  ? 2.215   8.639   -2.692  1.00 18.96 ? 1006 DA  A "C5'" 1 
ATOM   106 C  "C4'" . DA  A 1 6  ? 2.321   7.852   -1.409  1.00 20.33 ? 1006 DA  A "C4'" 1 
ATOM   107 O  "O4'" . DA  A 1 6  ? 1.788   6.513   -1.577  1.00 26.02 ? 1006 DA  A "O4'" 1 
ATOM   108 C  "C3'" . DA  A 1 6  ? 3.758   7.689   -0.906  1.00 19.71 ? 1006 DA  A "C3'" 1 
ATOM   109 O  "O3'" . DA  A 1 6  ? 3.832   8.236   0.397   1.00 19.85 ? 1006 DA  A "O3'" 1 
ATOM   110 C  "C2'" . DA  A 1 6  ? 4.033   6.205   -0.971  1.00 14.37 ? 1006 DA  A "C2'" 1 
ATOM   111 C  "C1'" . DA  A 1 6  ? 2.629   5.608   -0.865  1.00 19.98 ? 1006 DA  A "C1'" 1 
ATOM   112 N  N9    . DA  A 1 6  ? 2.263   4.354   -1.540  1.00 21.05 ? 1006 DA  A N9    1 
ATOM   113 C  C8    . DA  A 1 6  ? 2.653   4.041   -2.817  1.00 20.67 ? 1006 DA  A C8    1 
ATOM   114 N  N7    . DA  A 1 6  ? 2.229   2.875   -3.250  1.00 22.03 ? 1006 DA  A N7    1 
ATOM   115 C  C5    . DA  A 1 6  ? 1.505   2.394   -2.169  1.00 20.20 ? 1006 DA  A C5    1 
ATOM   116 C  C6    . DA  A 1 6  ? 0.795   1.189   -1.995  1.00 15.74 ? 1006 DA  A C6    1 
ATOM   117 N  N6    . DA  A 1 6  ? 0.740   0.281   -2.965  1.00 17.09 ? 1006 DA  A N6    1 
ATOM   118 N  N1    . DA  A 1 6  ? 0.179   1.003   -0.810  1.00 23.02 ? 1006 DA  A N1    1 
ATOM   119 C  C2    . DA  A 1 6  ? 0.272   1.957   0.128   1.00 23.65 ? 1006 DA  A C2    1 
ATOM   120 N  N3    . DA  A 1 6  ? 0.907   3.125   0.083   1.00 17.94 ? 1006 DA  A N3    1 
ATOM   121 C  C4    . DA  A 1 6  ? 1.510   3.283   -1.111  1.00 23.59 ? 1006 DA  A C4    1 
ATOM   122 P  P     . DT  A 1 7  ? 5.043   8.123   1.397   1.00 20.19 ? 1007 DT  A P     1 
ATOM   123 O  OP1   . DT  A 1 7  ? 5.112   9.306   2.302   1.00 22.68 ? 1007 DT  A OP1   1 
ATOM   124 O  OP2   . DT  A 1 7  ? 6.302   7.810   0.637   1.00 19.16 ? 1007 DT  A OP2   1 
ATOM   125 O  "O5'" . DT  A 1 7  ? 4.710   6.841   2.280   1.00 21.72 ? 1007 DT  A "O5'" 1 
ATOM   126 C  "C5'" . DT  A 1 7  ? 3.419   6.702   2.882   1.00 28.13 ? 1007 DT  A "C5'" 1 
ATOM   127 C  "C4'" . DT  A 1 7  ? 3.243   5.318   3.463   1.00 23.31 ? 1007 DT  A "C4'" 1 
ATOM   128 O  "O4'" . DT  A 1 7  ? 3.157   4.320   2.427   1.00 21.85 ? 1007 DT  A "O4'" 1 
ATOM   129 C  "C3'" . DT  A 1 7  ? 4.397   4.867   4.365   1.00 24.95 ? 1007 DT  A "C3'" 1 
ATOM   130 O  "O3'" . DT  A 1 7  ? 3.914   4.853   5.699   1.00 28.45 ? 1007 DT  A "O3'" 1 
ATOM   131 C  "C2'" . DT  A 1 7  ? 4.820   3.517   3.860   1.00 19.60 ? 1007 DT  A "C2'" 1 
ATOM   132 C  "C1'" . DT  A 1 7  ? 3.681   3.091   2.949   1.00 26.09 ? 1007 DT  A "C1'" 1 
ATOM   133 N  N1    . DT  A 1 7  ? 3.871   2.359   1.661   1.00 25.06 ? 1007 DT  A N1    1 
ATOM   134 C  C2    . DT  A 1 7  ? 3.195   1.161   1.574   1.00 26.20 ? 1007 DT  A C2    1 
ATOM   135 O  O2    . DT  A 1 7  ? 2.505   0.759   2.497   1.00 23.51 ? 1007 DT  A O2    1 
ATOM   136 N  N3    . DT  A 1 7  ? 3.359   0.483   0.405   1.00 26.02 ? 1007 DT  A N3    1 
ATOM   137 C  C4    . DT  A 1 7  ? 4.116   0.859   -0.687  1.00 17.13 ? 1007 DT  A C4    1 
ATOM   138 O  O4    . DT  A 1 7  ? 4.159   0.133   -1.671  1.00 18.39 ? 1007 DT  A O4    1 
ATOM   139 C  C5    . DT  A 1 7  ? 4.799   2.125   -0.533  1.00 19.56 ? 1007 DT  A C5    1 
ATOM   140 C  C7    . DT  A 1 7  ? 5.642   2.609   -1.675  1.00 28.21 ? 1007 DT  A C7    1 
ATOM   141 C  C6    . DT  A 1 7  ? 4.647   2.801   0.610   1.00 24.75 ? 1007 DT  A C6    1 
ATOM   142 P  P     . DT  A 1 8  ? 4.874   4.448   6.925   1.00 30.48 ? 1008 DT  A P     1 
ATOM   143 O  OP1   . DT  A 1 8  ? 4.319   5.134   8.119   1.00 23.32 ? 1008 DT  A OP1   1 
ATOM   144 O  OP2   . DT  A 1 8  ? 6.294   4.665   6.534   1.00 40.37 ? 1008 DT  A OP2   1 
ATOM   145 O  "O5'" . DT  A 1 8  ? 4.636   2.878   7.051   1.00 30.29 ? 1008 DT  A "O5'" 1 
ATOM   146 C  "C5'" . DT  A 1 8  ? 3.342   2.414   7.454   1.00 24.28 ? 1008 DT  A "C5'" 1 
ATOM   147 C  "C4'" . DT  A 1 8  ? 3.267   0.913   7.308   1.00 25.96 ? 1008 DT  A "C4'" 1 
ATOM   148 O  "O4'" . DT  A 1 8  ? 3.597   0.508   5.963   1.00 32.25 ? 1008 DT  A "O4'" 1 
ATOM   149 C  "C3'" . DT  A 1 8  ? 4.235   0.169   8.223   1.00 25.89 ? 1008 DT  A "C3'" 1 
ATOM   150 O  "O3'" . DT  A 1 8  ? 3.490   -0.606  9.162   1.00 40.15 ? 1008 DT  A "O3'" 1 
ATOM   151 C  "C2'" . DT  A 1 8  ? 5.082   -0.684  7.321   1.00 23.22 ? 1008 DT  A "C2'" 1 
ATOM   152 C  "C1'" . DT  A 1 8  ? 4.274   -0.752  6.029   1.00 29.12 ? 1008 DT  A "C1'" 1 
ATOM   153 N  N1    . DT  A 1 8  ? 4.900   -0.780  4.676   1.00 19.53 ? 1008 DT  A N1    1 
ATOM   154 C  C2    . DT  A 1 8  ? 4.504   -1.793  3.844   1.00 19.39 ? 1008 DT  A C2    1 
ATOM   155 O  O2    . DT  A 1 8  ? 3.681   -2.634  4.180   1.00 32.05 ? 1008 DT  A O2    1 
ATOM   156 N  N3    . DT  A 1 8  ? 5.080   -1.819  2.601   1.00 26.87 ? 1008 DT  A N3    1 
ATOM   157 C  C4    . DT  A 1 8  ? 6.025   -0.898  2.146   1.00 26.50 ? 1008 DT  A C4    1 
ATOM   158 O  O4    . DT  A 1 8  ? 6.452   -1.046  1.011   1.00 23.33 ? 1008 DT  A O4    1 
ATOM   159 C  C5    . DT  A 1 8  ? 6.402   0.145   3.066   1.00 32.60 ? 1008 DT  A C5    1 
ATOM   160 C  C7    . DT  A 1 8  ? 7.414   1.169   2.638   1.00 27.52 ? 1008 DT  A C7    1 
ATOM   161 C  C6    . DT  A 1 8  ? 5.833   0.162   4.281   1.00 31.65 ? 1008 DT  A C6    1 
ATOM   162 P  P     . DC  A 1 9  ? 4.324   -1.401  10.300  1.00 36.46 ? 1009 DC  A P     1 
ATOM   163 O  OP1   . DC  A 1 9  ? 3.595   -1.281  11.589  1.00 32.14 ? 1009 DC  A OP1   1 
ATOM   164 O  OP2   . DC  A 1 9  ? 5.746   -0.964  10.226  1.00 32.95 ? 1009 DC  A OP2   1 
ATOM   165 O  "O5'" . DC  A 1 9  ? 4.279   -2.923  9.836   1.00 24.73 ? 1009 DC  A "O5'" 1 
ATOM   166 C  "C5'" . DC  A 1 9  ? 3.165   -3.546  9.227   1.00 24.56 ? 1009 DC  A "C5'" 1 
ATOM   167 C  "C4'" . DC  A 1 9  ? 3.556   -4.843  8.564   1.00 29.68 ? 1009 DC  A "C4'" 1 
ATOM   168 O  "O4'" . DC  A 1 9  ? 4.172   -4.586  7.279   1.00 30.33 ? 1009 DC  A "O4'" 1 
ATOM   169 C  "C3'" . DC  A 1 9  ? 4.565   -5.673  9.356   1.00 29.03 ? 1009 DC  A "C3'" 1 
ATOM   170 O  "O3'" . DC  A 1 9  ? 3.937   -6.877  9.773   1.00 39.69 ? 1009 DC  A "O3'" 1 
ATOM   171 C  "C2'" . DC  A 1 9  ? 5.723   -5.907  8.423   1.00 32.16 ? 1009 DC  A "C2'" 1 
ATOM   172 C  "C1'" . DC  A 1 9  ? 5.165   -5.588  7.049   1.00 32.23 ? 1009 DC  A "C1'" 1 
ATOM   173 N  N1    . DC  A 1 9  ? 6.028   -4.941  6.126   1.00 32.21 ? 1009 DC  A N1    1 
ATOM   174 C  C2    . DC  A 1 9  ? 6.195   -5.406  4.823   1.00 23.45 ? 1009 DC  A C2    1 
ATOM   175 O  O2    . DC  A 1 9  ? 5.592   -6.405  4.424   1.00 27.26 ? 1009 DC  A O2    1 
ATOM   176 N  N3    . DC  A 1 9  ? 7.037   -4.750  3.973   1.00 24.04 ? 1009 DC  A N3    1 
ATOM   177 C  C4    . DC  A 1 9  ? 7.688   -3.670  4.412   1.00 23.04 ? 1009 DC  A C4    1 
ATOM   178 N  N4    . DC  A 1 9  ? 8.516   -3.023  3.577   1.00 23.26 ? 1009 DC  A N4    1 
ATOM   179 C  C5    . DC  A 1 9  ? 7.538   -3.171  5.740   1.00 25.72 ? 1009 DC  A C5    1 
ATOM   180 C  C6    . DC  A 1 9  ? 6.711   -3.825  6.551   1.00 29.62 ? 1009 DC  A C6    1 
ATOM   181 P  P     . DG  A 1 10 ? 4.440   -7.819  10.973  1.00 36.53 ? 1010 DG  A P     1 
ATOM   182 O  OP1   . DG  A 1 10 ? 3.235   -8.461  11.569  1.00 38.69 ? 1010 DG  A OP1   1 
ATOM   183 O  OP2   . DG  A 1 10 ? 5.414   -7.116  11.833  1.00 33.03 ? 1010 DG  A OP2   1 
ATOM   184 O  "O5'" . DG  A 1 10 ? 5.238   -8.975  10.191  1.00 31.86 ? 1010 DG  A "O5'" 1 
ATOM   185 C  "C5'" . DG  A 1 10 ? 4.573   -9.602  9.084   1.00 28.90 ? 1010 DG  A "C5'" 1 
ATOM   186 C  "C4'" . DG  A 1 10 ? 5.610   -10.272 8.215   1.00 29.16 ? 1010 DG  A "C4'" 1 
ATOM   187 O  "O4'" . DG  A 1 10 ? 6.373   -9.269  7.491   1.00 29.58 ? 1010 DG  A "O4'" 1 
ATOM   188 C  "C3'" . DG  A 1 10 ? 6.650   -11.092 8.959   1.00 37.20 ? 1010 DG  A "C3'" 1 
ATOM   189 O  "O3'" . DG  A 1 10 ? 7.035   -12.231 8.222   1.00 42.85 ? 1010 DG  A "O3'" 1 
ATOM   190 C  "C2'" . DG  A 1 10 ? 7.804   -10.118 9.115   1.00 32.83 ? 1010 DG  A "C2'" 1 
ATOM   191 C  "C1'" . DG  A 1 10 ? 7.765   -9.527  7.695   1.00 29.54 ? 1010 DG  A "C1'" 1 
ATOM   192 N  N9    . DG  A 1 10 ? 8.463   -8.277  7.443   1.00 26.07 ? 1010 DG  A N9    1 
ATOM   193 C  C8    . DG  A 1 10 ? 8.803   -7.213  8.236   1.00 25.87 ? 1010 DG  A C8    1 
ATOM   194 N  N7    . DG  A 1 10 ? 9.444   -6.273  7.589   1.00 22.10 ? 1010 DG  A N7    1 
ATOM   195 C  C5    . DG  A 1 10 ? 9.532   -6.750  6.287   1.00 21.03 ? 1010 DG  A C5    1 
ATOM   196 C  C6    . DG  A 1 10 ? 10.122  -6.158  5.144   1.00 19.85 ? 1010 DG  A C6    1 
ATOM   197 O  O6    . DG  A 1 10 ? 10.693  -5.062  5.086   1.00 31.20 ? 1010 DG  A O6    1 
ATOM   198 N  N1    . DG  A 1 10 ? 10.005  -6.955  4.013   1.00 21.51 ? 1010 DG  A N1    1 
ATOM   199 C  C2    . DG  A 1 10 ? 9.386   -8.181  4.003   1.00 26.50 ? 1010 DG  A C2    1 
ATOM   200 N  N2    . DG  A 1 10 ? 9.373   -8.796  2.818   1.00 21.56 ? 1010 DG  A N2    1 
ATOM   201 N  N3    . DG  A 1 10 ? 8.828   -8.744  5.073   1.00 32.27 ? 1010 DG  A N3    1 
ATOM   202 C  C4    . DG  A 1 10 ? 8.937   -7.980  6.172   1.00 28.33 ? 1010 DG  A C4    1 
ATOM   203 P  P     . DC  A 1 11 ? 6.685   -13.738 8.668   1.00 40.63 ? 1011 DC  A P     1 
ATOM   204 O  OP1   . DC  A 1 11 ? 5.239   -13.822 9.014   1.00 58.08 ? 1011 DC  A OP1   1 
ATOM   205 O  OP2   . DC  A 1 11 ? 7.717   -14.206 9.627   1.00 36.77 ? 1011 DC  A OP2   1 
ATOM   206 O  "O5'" . DC  A 1 11 ? 6.876   -14.488 7.258   1.00 38.46 ? 1011 DC  A "O5'" 1 
ATOM   207 C  "C5'" . DC  A 1 11 ? 5.950   -14.076 6.247   1.00 38.38 ? 1011 DC  A "C5'" 1 
ATOM   208 C  "C4'" . DC  A 1 11 ? 6.595   -14.057 4.888   1.00 36.34 ? 1011 DC  A "C4'" 1 
ATOM   209 O  "O4'" . DC  A 1 11 ? 7.548   -12.968 4.784   1.00 34.85 ? 1011 DC  A "O4'" 1 
ATOM   210 C  "C3'" . DC  A 1 11 ? 7.392   -15.312 4.546   1.00 31.56 ? 1011 DC  A "C3'" 1 
ATOM   211 O  "O3'" . DC  A 1 11 ? 7.257   -15.613 3.170   1.00 33.52 ? 1011 DC  A "O3'" 1 
ATOM   212 C  "C2'" . DC  A 1 11 ? 8.806   -14.944 4.930   1.00 37.18 ? 1011 DC  A "C2'" 1 
ATOM   213 C  "C1'" . DC  A 1 11 ? 8.846   -13.490 4.477   1.00 36.33 ? 1011 DC  A "C1'" 1 
ATOM   214 N  N1    . DC  A 1 11 ? 9.632   -12.567 5.196   1.00 33.06 ? 1011 DC  A N1    1 
ATOM   215 C  C2    . DC  A 1 11 ? 10.383  -11.639 4.472   1.00 30.22 ? 1011 DC  A C2    1 
ATOM   216 O  O2    . DC  A 1 11 ? 10.329  -11.672 3.235   1.00 25.07 ? 1011 DC  A O2    1 
ATOM   217 N  N3    . DC  A 1 11 ? 11.139  -10.747 5.141   1.00 32.16 ? 1011 DC  A N3    1 
ATOM   218 C  C4    . DC  A 1 11 ? 11.171  -10.742 6.467   1.00 31.63 ? 1011 DC  A C4    1 
ATOM   219 N  N4    . DC  A 1 11 ? 11.945  -9.826  7.065   1.00 33.64 ? 1011 DC  A N4    1 
ATOM   220 C  C5    . DC  A 1 11 ? 10.413  -11.676 7.227   1.00 38.64 ? 1011 DC  A C5    1 
ATOM   221 C  C6    . DC  A 1 11 ? 9.664   -12.561 6.563   1.00 36.85 ? 1011 DC  A C6    1 
ATOM   222 P  P     . DG  A 1 12 ? 7.513   -17.110 2.652   1.00 34.32 ? 1012 DG  A P     1 
ATOM   223 O  OP1   . DG  A 1 12 ? 6.897   -17.272 1.304   1.00 33.32 ? 1012 DG  A OP1   1 
ATOM   224 O  OP2   . DG  A 1 12 ? 7.217   -18.084 3.733   1.00 32.19 ? 1012 DG  A OP2   1 
ATOM   225 O  "O5'" . DG  A 1 12 ? 9.104   -17.143 2.458   1.00 26.77 ? 1012 DG  A "O5'" 1 
ATOM   226 C  "C5'" . DG  A 1 12 ? 9.736   -16.625 1.289   1.00 24.28 ? 1012 DG  A "C5'" 1 
ATOM   227 C  "C4'" . DG  A 1 12 ? 11.221  -16.496 1.518   1.00 18.10 ? 1012 DG  A "C4'" 1 
ATOM   228 O  "O4'" . DG  A 1 12 ? 11.511  -15.500 2.533   1.00 20.76 ? 1012 DG  A "O4'" 1 
ATOM   229 C  "C3'" . DG  A 1 12 ? 11.914  -17.749 2.043   1.00 22.90 ? 1012 DG  A "C3'" 1 
ATOM   230 O  "O3'" . DG  A 1 12 ? 12.437  -18.506 0.956   1.00 23.13 ? 1012 DG  A "O3'" 1 
ATOM   231 C  "C2'" . DG  A 1 12 ? 12.999  -17.250 2.964   1.00 27.96 ? 1012 DG  A "C2'" 1 
ATOM   232 C  "C1'" . DG  A 1 12 ? 12.854  -15.733 2.960   1.00 24.40 ? 1012 DG  A "C1'" 1 
ATOM   233 N  N9    . DG  A 1 12 ? 12.960  -15.011 4.232   1.00 19.04 ? 1012 DG  A N9    1 
ATOM   234 C  C8    . DG  A 1 12 ? 12.425  -15.374 5.448   1.00 28.09 ? 1012 DG  A C8    1 
ATOM   235 N  N7    . DG  A 1 12 ? 12.700  -14.515 6.396   1.00 25.21 ? 1012 DG  A N7    1 
ATOM   236 C  C5    . DG  A 1 12 ? 13.457  -13.535 5.770   1.00 26.06 ? 1012 DG  A C5    1 
ATOM   237 C  C6    . DG  A 1 12 ? 14.036  -12.354 6.306   1.00 27.91 ? 1012 DG  A C6    1 
ATOM   238 O  O6    . DG  A 1 12 ? 13.986  -11.935 7.475   1.00 26.58 ? 1012 DG  A O6    1 
ATOM   239 N  N1    . DG  A 1 12 ? 14.728  -11.619 5.354   1.00 17.90 ? 1012 DG  A N1    1 
ATOM   240 C  C2    . DG  A 1 12 ? 14.840  -11.998 4.039   1.00 19.25 ? 1012 DG  A C2    1 
ATOM   241 N  N2    . DG  A 1 12 ? 15.544  -11.174 3.259   1.00 25.13 ? 1012 DG  A N2    1 
ATOM   242 N  N3    . DG  A 1 12 ? 14.311  -13.086 3.535   1.00 14.79 ? 1012 DG  A N3    1 
ATOM   243 C  C4    . DG  A 1 12 ? 13.628  -13.829 4.432   1.00 18.30 ? 1012 DG  A C4    1 
ATOM   244 O  "O5'" . DC  B 1 1  ? 20.789  -4.678  6.768   1.00 38.64 ? 2013 DC  B "O5'" 1 
ATOM   245 C  "C5'" . DC  B 1 1  ? 21.278  -5.242  5.551   1.00 37.63 ? 2013 DC  B "C5'" 1 
ATOM   246 C  "C4'" . DC  B 1 1  ? 20.125  -5.633  4.661   1.00 29.90 ? 2013 DC  B "C4'" 1 
ATOM   247 O  "O4'" . DC  B 1 1  ? 19.543  -6.881  5.130   1.00 24.60 ? 2013 DC  B "O4'" 1 
ATOM   248 C  "C3'" . DC  B 1 1  ? 18.973  -4.643  4.617   1.00 29.65 ? 2013 DC  B "C3'" 1 
ATOM   249 O  "O3'" . DC  B 1 1  ? 18.457  -4.495  3.308   1.00 29.13 ? 2013 DC  B "O3'" 1 
ATOM   250 C  "C2'" . DC  B 1 1  ? 17.939  -5.251  5.544   1.00 28.33 ? 2013 DC  B "C2'" 1 
ATOM   251 C  "C1'" . DC  B 1 1  ? 18.121  -6.726  5.175   1.00 26.84 ? 2013 DC  B "C1'" 1 
ATOM   252 N  N1    . DC  B 1 1  ? 17.698  -7.690  6.116   1.00 22.63 ? 2013 DC  B N1    1 
ATOM   253 C  C2    . DC  B 1 1  ? 16.812  -8.688  5.684   1.00 22.77 ? 2013 DC  B C2    1 
ATOM   254 O  O2    . DC  B 1 1  ? 16.418  -8.717  4.500   1.00 20.72 ? 2013 DC  B O2    1 
ATOM   255 N  N3    . DC  B 1 1  ? 16.383  -9.631  6.548   1.00 16.93 ? 2013 DC  B N3    1 
ATOM   256 C  C4    . DC  B 1 1  ? 16.811  -9.593  7.815   1.00 26.45 ? 2013 DC  B C4    1 
ATOM   257 N  N4    . DC  B 1 1  ? 16.351  -10.553 8.629   1.00 23.94 ? 2013 DC  B N4    1 
ATOM   258 C  C5    . DC  B 1 1  ? 17.711  -8.587  8.280   1.00 25.60 ? 2013 DC  B C5    1 
ATOM   259 C  C6    . DC  B 1 1  ? 18.130  -7.658  7.408   1.00 19.81 ? 2013 DC  B C6    1 
ATOM   260 P  P     . DG  B 1 2  ? 18.757  -3.212  2.406   1.00 25.94 ? 2014 DG  B P     1 
ATOM   261 O  OP1   . DG  B 1 2  ? 20.217  -2.950  2.352   1.00 30.11 ? 2014 DG  B OP1   1 
ATOM   262 O  OP2   . DG  B 1 2  ? 17.875  -2.070  2.784   1.00 31.08 ? 2014 DG  B OP2   1 
ATOM   263 O  "O5'" . DG  B 1 2  ? 18.276  -3.720  0.967   1.00 24.47 ? 2014 DG  B "O5'" 1 
ATOM   264 C  "C5'" . DG  B 1 2  ? 19.054  -4.786  0.384   1.00 31.82 ? 2014 DG  B "C5'" 1 
ATOM   265 C  "C4'" . DG  B 1 2  ? 18.103  -5.785  -0.240  1.00 25.47 ? 2014 DG  B "C4'" 1 
ATOM   266 O  "O4'" . DG  B 1 2  ? 17.476  -6.583  0.779   1.00 29.25 ? 2014 DG  B "O4'" 1 
ATOM   267 C  "C3'" . DG  B 1 2  ? 16.979  -5.130  -1.030  1.00 29.71 ? 2014 DG  B "C3'" 1 
ATOM   268 O  "O3'" . DG  B 1 2  ? 17.193  -5.354  -2.419  1.00 26.35 ? 2014 DG  B "O3'" 1 
ATOM   269 C  "C2'" . DG  B 1 2  ? 15.703  -5.765  -0.562  1.00 33.93 ? 2014 DG  B "C2'" 1 
ATOM   270 C  "C1'" . DG  B 1 2  ? 16.097  -6.771  0.497   1.00 23.04 ? 2014 DG  B "C1'" 1 
ATOM   271 N  N9    . DG  B 1 2  ? 15.440  -6.621  1.808   1.00 22.54 ? 2014 DG  B N9    1 
ATOM   272 C  C8    . DG  B 1 2  ? 15.583  -5.675  2.781   1.00 21.46 ? 2014 DG  B C8    1 
ATOM   273 N  N7    . DG  B 1 2  ? 14.825  -5.871  3.820   1.00 23.77 ? 2014 DG  B N7    1 
ATOM   274 C  C5    . DG  B 1 2  ? 14.121  -7.038  3.520   1.00 25.95 ? 2014 DG  B C5    1 
ATOM   275 C  C6    . DG  B 1 2  ? 13.144  -7.759  4.256   1.00 30.11 ? 2014 DG  B C6    1 
ATOM   276 O  O6    . DG  B 1 2  ? 12.654  -7.534  5.381   1.00 24.82 ? 2014 DG  B O6    1 
ATOM   277 N  N1    . DG  B 1 2  ? 12.705  -8.883  3.560   1.00 24.67 ? 2014 DG  B N1    1 
ATOM   278 C  C2    . DG  B 1 2  ? 13.149  -9.261  2.317   1.00 22.31 ? 2014 DG  B C2    1 
ATOM   279 N  N2    . DG  B 1 2  ? 12.613  -10.372 1.801   1.00 23.77 ? 2014 DG  B N2    1 
ATOM   280 N  N3    . DG  B 1 2  ? 14.060  -8.598  1.620   1.00 21.46 ? 2014 DG  B N3    1 
ATOM   281 C  C4    . DG  B 1 2  ? 14.497  -7.508  2.277   1.00 26.61 ? 2014 DG  B C4    1 
ATOM   282 P  P     . DC  B 1 3  ? 16.188  -4.692  -3.494  1.00 35.07 ? 2015 DC  B P     1 
ATOM   283 O  OP1   . DC  B 1 3  ? 16.791  -4.867  -4.835  1.00 21.83 ? 2015 DC  B OP1   1 
ATOM   284 O  OP2   . DC  B 1 3  ? 15.825  -3.316  -3.032  1.00 44.18 ? 2015 DC  B OP2   1 
ATOM   285 O  "O5'" . DC  B 1 3  ? 14.866  -5.558  -3.366  1.00 31.33 ? 2015 DC  B "O5'" 1 
ATOM   286 C  "C5'" . DC  B 1 3  ? 14.738  -6.866  -3.929  1.00 26.17 ? 2015 DC  B "C5'" 1 
ATOM   287 C  "C4'" . DC  B 1 3  ? 13.481  -7.498  -3.389  1.00 25.68 ? 2015 DC  B "C4'" 1 
ATOM   288 O  "O4'" . DC  B 1 3  ? 13.380  -7.324  -1.959  1.00 22.71 ? 2015 DC  B "O4'" 1 
ATOM   289 C  "C3'" . DC  B 1 3  ? 12.180  -6.895  -3.907  1.00 21.01 ? 2015 DC  B "C3'" 1 
ATOM   290 O  "O3'" . DC  B 1 3  ? 11.826  -7.499  -5.133  1.00 26.94 ? 2015 DC  B "O3'" 1 
ATOM   291 C  "C2'" . DC  B 1 3  ? 11.178  -7.186  -2.825  1.00 32.16 ? 2015 DC  B "C2'" 1 
ATOM   292 C  "C1'" . DC  B 1 3  ? 12.005  -7.452  -1.586  1.00 27.53 ? 2015 DC  B "C1'" 1 
ATOM   293 N  N1    . DC  B 1 3  ? 11.922  -6.492  -0.542  1.00 22.44 ? 2015 DC  B N1    1 
ATOM   294 C  C2    . DC  B 1 3  ? 11.248  -6.910  0.618   1.00 21.47 ? 2015 DC  B C2    1 
ATOM   295 O  O2    . DC  B 1 3  ? 10.800  -8.069  0.603   1.00 20.61 ? 2015 DC  B O2    1 
ATOM   296 N  N3    . DC  B 1 3  ? 11.134  -6.051  1.650   1.00 23.57 ? 2015 DC  B N3    1 
ATOM   297 C  C4    . DC  B 1 3  ? 11.651  -4.823  1.572   1.00 30.12 ? 2015 DC  B C4    1 
ATOM   298 N  N4    . DC  B 1 3  ? 11.495  -4.034  2.632   1.00 28.89 ? 2015 DC  B N4    1 
ATOM   299 C  C5    . DC  B 1 3  ? 12.340  -4.374  0.408   1.00 30.03 ? 2015 DC  B C5    1 
ATOM   300 C  C6    . DC  B 1 3  ? 12.447  -5.238  -0.611  1.00 25.80 ? 2015 DC  B C6    1 
ATOM   301 P  P     . DG  B 1 4  ? 10.646  -6.963  -6.059  1.00 28.99 ? 2016 DG  B P     1 
ATOM   302 O  OP1   . DG  B 1 4  ? 10.933  -7.451  -7.439  1.00 34.19 ? 2016 DG  B OP1   1 
ATOM   303 O  OP2   . DG  B 1 4  ? 10.421  -5.497  -5.891  1.00 29.27 ? 2016 DG  B OP2   1 
ATOM   304 O  "O5'" . DG  B 1 4  ? 9.333   -7.679  -5.524  1.00 23.93 ? 2016 DG  B "O5'" 1 
ATOM   305 C  "C5'" . DG  B 1 4  ? 9.271   -9.109  -5.450  1.00 23.25 ? 2016 DG  B "C5'" 1 
ATOM   306 C  "C4'" . DG  B 1 4  ? 8.059   -9.489  -4.624  1.00 30.30 ? 2016 DG  B "C4'" 1 
ATOM   307 O  "O4'" . DG  B 1 4  ? 8.105   -8.867  -3.326  1.00 23.21 ? 2016 DG  B "O4'" 1 
ATOM   308 C  "C3'" . DG  B 1 4  ? 6.734   -9.063  -5.255  1.00 33.06 ? 2016 DG  B "C3'" 1 
ATOM   309 O  "O3'" . DG  B 1 4  ? 5.811   -10.142 -5.193  1.00 39.31 ? 2016 DG  B "O3'" 1 
ATOM   310 C  "C2'" . DG  B 1 4  ? 6.295   -7.865  -4.456  1.00 29.66 ? 2016 DG  B "C2'" 1 
ATOM   311 C  "C1'" . DG  B 1 4  ? 6.957   -8.063  -3.104  1.00 28.02 ? 2016 DG  B "C1'" 1 
ATOM   312 N  N9    . DG  B 1 4  ? 7.502   -6.870  -2.431  1.00 22.95 ? 2016 DG  B N9    1 
ATOM   313 C  C8    . DG  B 1 4  ? 8.193   -5.807  -2.962  1.00 23.11 ? 2016 DG  B C8    1 
ATOM   314 N  N7    . DG  B 1 4  ? 8.525   -4.926  -2.072  1.00 22.44 ? 2016 DG  B N7    1 
ATOM   315 C  C5    . DG  B 1 4  ? 8.029   -5.424  -0.869  1.00 23.91 ? 2016 DG  B C5    1 
ATOM   316 C  C6    . DG  B 1 4  ? 8.086   -4.895  0.453   1.00 24.11 ? 2016 DG  B C6    1 
ATOM   317 O  O6    . DG  B 1 4  ? 8.591   -3.851  0.891   1.00 21.39 ? 2016 DG  B O6    1 
ATOM   318 N  N1    . DG  B 1 4  ? 7.450   -5.737  1.367   1.00 20.89 ? 2016 DG  B N1    1 
ATOM   319 C  C2    . DG  B 1 4  ? 6.846   -6.922  1.042   1.00 21.72 ? 2016 DG  B C2    1 
ATOM   320 N  N2    . DG  B 1 4  ? 6.289   -7.586  2.065   1.00 23.83 ? 2016 DG  B N2    1 
ATOM   321 N  N3    . DG  B 1 4  ? 6.784   -7.429  -0.184  1.00 26.73 ? 2016 DG  B N3    1 
ATOM   322 C  C4    . DG  B 1 4  ? 7.395   -6.628  -1.087  1.00 24.15 ? 2016 DG  B C4    1 
ATOM   323 P  P     . DA  B 1 5  ? 4.214   -9.991  -5.254  1.00 40.18 ? 2017 DA  B P     1 
ATOM   324 O  OP1   . DA  B 1 5  ? 3.629   -11.331 -5.591  1.00 51.04 ? 2017 DA  B OP1   1 
ATOM   325 O  OP2   . DA  B 1 5  ? 3.797   -8.845  -6.095  1.00 41.47 ? 2017 DA  B OP2   1 
ATOM   326 O  "O5'" . DA  B 1 5  ? 3.860   -9.723  -3.720  1.00 39.08 ? 2017 DA  B "O5'" 1 
ATOM   327 C  "C5'" . DA  B 1 5  ? 4.132   -10.809 -2.816  1.00 34.79 ? 2017 DA  B "C5'" 1 
ATOM   328 C  "C4'" . DA  B 1 5  ? 3.416   -10.545 -1.520  1.00 34.54 ? 2017 DA  B "C4'" 1 
ATOM   329 O  "O4'" . DA  B 1 5  ? 3.850   -9.282  -0.961  1.00 37.24 ? 2017 DA  B "O4'" 1 
ATOM   330 C  "C3'" . DA  B 1 5  ? 1.893   -10.451 -1.648  1.00 43.22 ? 2017 DA  B "C3'" 1 
ATOM   331 O  "O3'" . DA  B 1 5  ? 1.279   -11.141 -0.578  1.00 46.26 ? 2017 DA  B "O3'" 1 
ATOM   332 C  "C2'" . DA  B 1 5  ? 1.618   -8.965  -1.636  1.00 37.64 ? 2017 DA  B "C2'" 1 
ATOM   333 C  "C1'" . DA  B 1 5  ? 2.718   -8.453  -0.723  1.00 39.18 ? 2017 DA  B "C1'" 1 
ATOM   334 N  N9    . DA  B 1 5  ? 3.393   -7.166  -0.952  1.00 34.69 ? 2017 DA  B N9    1 
ATOM   335 C  C8    . DA  B 1 5  ? 3.742   -6.763  -2.217  1.00 30.42 ? 2017 DA  B C8    1 
ATOM   336 N  N7    . DA  B 1 5  ? 4.331   -5.599  -2.243  1.00 25.91 ? 2017 DA  B N7    1 
ATOM   337 C  C5    . DA  B 1 5  ? 4.369   -5.220  -0.914  1.00 25.30 ? 2017 DA  B C5    1 
ATOM   338 C  C6    . DA  B 1 5  ? 4.874   -4.075  -0.278  1.00 24.37 ? 2017 DA  B C6    1 
ATOM   339 N  N6    . DA  B 1 5  ? 5.456   -3.070  -0.950  1.00 25.91 ? 2017 DA  B N6    1 
ATOM   340 N  N1    . DA  B 1 5  ? 4.739   -4.033  1.053   1.00 24.79 ? 2017 DA  B N1    1 
ATOM   341 C  C2    . DA  B 1 5  ? 4.154   -5.039  1.735   1.00 21.88 ? 2017 DA  B C2    1 
ATOM   342 N  N3    . DA  B 1 5  ? 3.641   -6.170  1.241   1.00 23.50 ? 2017 DA  B N3    1 
ATOM   343 C  C4    . DA  B 1 5  ? 3.792   -6.179  -0.099  1.00 27.74 ? 2017 DA  B C4    1 
ATOM   344 P  P     . DA  B 1 6  ? -0.258  -10.959 -0.155  1.00 45.93 ? 2018 DA  B P     1 
ATOM   345 O  OP1   . DA  B 1 6  ? -0.651  -12.121 0.696   1.00 45.95 ? 2018 DA  B OP1   1 
ATOM   346 O  OP2   . DA  B 1 6  ? -1.079  -10.628 -1.351  1.00 33.86 ? 2018 DA  B OP2   1 
ATOM   347 O  "O5'" . DA  B 1 6  ? -0.264  -9.648  0.751   1.00 27.20 ? 2018 DA  B "O5'" 1 
ATOM   348 C  "C5'" . DA  B 1 6  ? 0.210   -9.617  2.099   1.00 30.50 ? 2018 DA  B "C5'" 1 
ATOM   349 C  "C4'" . DA  B 1 6  ? -0.163  -8.267  2.661   1.00 37.18 ? 2018 DA  B "C4'" 1 
ATOM   350 O  "O4'" . DA  B 1 6  ? 0.447   -7.220  1.863   1.00 30.74 ? 2018 DA  B "O4'" 1 
ATOM   351 C  "C3'" . DA  B 1 6  ? -1.659  -7.957  2.667   1.00 32.20 ? 2018 DA  B "C3'" 1 
ATOM   352 O  "O3'" . DA  B 1 6  ? -2.132  -7.914  4.003   1.00 32.02 ? 2018 DA  B "O3'" 1 
ATOM   353 C  "C2'" . DA  B 1 6  ? -1.805  -6.622  1.967   1.00 27.68 ? 2018 DA  B "C2'" 1 
ATOM   354 C  "C1'" . DA  B 1 6  ? -0.390  -6.067  1.997   1.00 29.91 ? 2018 DA  B "C1'" 1 
ATOM   355 N  N9    . DA  B 1 6  ? 0.209   -5.318  0.895   1.00 31.87 ? 2018 DA  B N9    1 
ATOM   356 C  C8    . DA  B 1 6  ? 0.181   -5.768  -0.393  1.00 28.24 ? 2018 DA  B C8    1 
ATOM   357 N  N7    . DA  B 1 6  ? 0.763   -4.974  -1.247  1.00 33.93 ? 2018 DA  B N7    1 
ATOM   358 C  C5    . DA  B 1 6  ? 1.207   -3.925  -0.463  1.00 29.84 ? 2018 DA  B C5    1 
ATOM   359 C  C6    . DA  B 1 6  ? 1.906   -2.747  -0.776  1.00 23.60 ? 2018 DA  B C6    1 
ATOM   360 N  N6    . DA  B 1 6  ? 2.302   -2.413  -2.015  1.00 22.65 ? 2018 DA  B N6    1 
ATOM   361 N  N1    . DA  B 1 6  ? 2.172   -1.945  0.269   1.00 19.87 ? 2018 DA  B N1    1 
ATOM   362 C  C2    . DA  B 1 6  ? 1.787   -2.263  1.504   1.00 18.45 ? 2018 DA  B C2    1 
ATOM   363 N  N3    . DA  B 1 6  ? 1.123   -3.341  1.921   1.00 23.16 ? 2018 DA  B N3    1 
ATOM   364 C  C4    . DA  B 1 6  ? 0.874   -4.120  0.863   1.00 26.71 ? 2018 DA  B C4    1 
ATOM   365 P  P     . DT  B 1 7  ? -3.651  -7.464  4.352   1.00 36.34 ? 2019 DT  B P     1 
ATOM   366 O  OP1   . DT  B 1 7  ? -3.927  -7.947  5.729   1.00 34.72 ? 2019 DT  B OP1   1 
ATOM   367 O  OP2   . DT  B 1 7  ? -4.535  -7.762  3.222   1.00 29.46 ? 2019 DT  B OP2   1 
ATOM   368 O  "O5'" . DT  B 1 7  ? -3.485  -5.861  4.444   1.00 29.80 ? 2019 DT  B "O5'" 1 
ATOM   369 C  "C5'" . DT  B 1 7  ? -2.547  -5.306  5.370   1.00 26.95 ? 2019 DT  B "C5'" 1 
ATOM   370 C  "C4'" . DT  B 1 7  ? -2.442  -3.810  5.162   1.00 29.93 ? 2019 DT  B "C4'" 1 
ATOM   371 O  "O4'" . DT  B 1 7  ? -1.896  -3.486  3.866   1.00 24.78 ? 2019 DT  B "O4'" 1 
ATOM   372 C  "C3'" . DT  B 1 7  ? -3.796  -3.100  5.242   1.00 22.62 ? 2019 DT  B "C3'" 1 
ATOM   373 O  "O3'" . DT  B 1 7  ? -3.814  -2.307  6.421   1.00 28.50 ? 2019 DT  B "O3'" 1 
ATOM   374 C  "C2'" . DT  B 1 7  ? -3.905  -2.294  3.977   1.00 26.09 ? 2019 DT  B "C2'" 1 
ATOM   375 C  "C1'" . DT  B 1 7  ? -2.465  -2.241  3.458   1.00 27.88 ? 2019 DT  B "C1'" 1 
ATOM   376 N  N1    . DT  B 1 7  ? -2.174  -2.196  1.997   1.00 27.18 ? 2019 DT  B N1    1 
ATOM   377 C  C2    . DT  B 1 7  ? -1.417  -1.139  1.534   1.00 19.91 ? 2019 DT  B C2    1 
ATOM   378 O  O2    . DT  B 1 7  ? -0.978  -0.256  2.250   1.00 25.35 ? 2019 DT  B O2    1 
ATOM   379 N  N3    . DT  B 1 7  ? -1.162  -1.118  0.184   1.00 26.03 ? 2019 DT  B N3    1 
ATOM   380 C  C4    . DT  B 1 7  ? -1.582  -2.035  -0.757  1.00 27.58 ? 2019 DT  B C4    1 
ATOM   381 O  O4    . DT  B 1 7  ? -1.281  -1.889  -1.931  1.00 21.28 ? 2019 DT  B O4    1 
ATOM   382 C  C5    . DT  B 1 7  ? -2.376  -3.120  -0.218  1.00 25.95 ? 2019 DT  B C5    1 
ATOM   383 C  C7    . DT  B 1 7  ? -2.876  -4.162  -1.165  1.00 36.02 ? 2019 DT  B C7    1 
ATOM   384 C  C6    . DT  B 1 7  ? -2.623  -3.143  1.096   1.00 25.09 ? 2019 DT  B C6    1 
ATOM   385 P  P     . DT  B 1 8  ? -5.093  -1.410  6.810   1.00 30.80 ? 2020 DT  B P     1 
ATOM   386 O  OP1   . DT  B 1 8  ? -5.101  -1.245  8.292   1.00 42.65 ? 2020 DT  B OP1   1 
ATOM   387 O  OP2   . DT  B 1 8  ? -6.290  -1.910  6.104   1.00 26.82 ? 2020 DT  B OP2   1 
ATOM   388 O  "O5'" . DT  B 1 8  ? -4.734  0.026   6.212   1.00 27.80 ? 2020 DT  B "O5'" 1 
ATOM   389 C  "C5'" . DT  B 1 8  ? -3.470  0.602   6.578   1.00 23.69 ? 2020 DT  B "C5'" 1 
ATOM   390 C  "C4'" . DT  B 1 8  ? -3.259  1.872   5.780   1.00 21.77 ? 2020 DT  B "C4'" 1 
ATOM   391 O  "O4'" . DT  B 1 8  ? -3.094  1.594   4.377   1.00 22.88 ? 2020 DT  B "O4'" 1 
ATOM   392 C  "C3'" . DT  B 1 8  ? -4.433  2.849   5.881   1.00 20.84 ? 2020 DT  B "C3'" 1 
ATOM   393 O  "O3'" . DT  B 1 8  ? -3.963  4.026   6.526   1.00 26.14 ? 2020 DT  B "O3'" 1 
ATOM   394 C  "C2'" . DT  B 1 8  ? -4.897  3.080   4.471   1.00 22.64 ? 2020 DT  B "C2'" 1 
ATOM   395 C  "C1'" . DT  B 1 8  ? -3.703  2.649   3.624   1.00 19.67 ? 2020 DT  B "C1'" 1 
ATOM   396 N  N1    . DT  B 1 8  ? -3.823  1.944   2.320   1.00 23.52 ? 2020 DT  B N1    1 
ATOM   397 C  C2    . DT  B 1 8  ? -3.095  2.458   1.270   1.00 28.60 ? 2020 DT  B C2    1 
ATOM   398 O  O2    . DT  B 1 8  ? -2.370  3.444   1.351   1.00 26.72 ? 2020 DT  B O2    1 
ATOM   399 N  N3    . DT  B 1 8  ? -3.250  1.765   0.105   1.00 24.21 ? 2020 DT  B N3    1 
ATOM   400 C  C4    . DT  B 1 8  ? -4.008  0.655   -0.171  1.00 16.19 ? 2020 DT  B C4    1 
ATOM   401 O  O4    . DT  B 1 8  ? -4.062  0.121   -1.269  1.00 19.41 ? 2020 DT  B O4    1 
ATOM   402 C  C5    . DT  B 1 8  ? -4.748  0.168   0.982   1.00 24.70 ? 2020 DT  B C5    1 
ATOM   403 C  C7    . DT  B 1 8  ? -5.605  -1.046  0.770   1.00 26.06 ? 2020 DT  B C7    1 
ATOM   404 C  C6    . DT  B 1 8  ? -4.617  0.825   2.132   1.00 20.87 ? 2020 DT  B C6    1 
ATOM   405 P  P     . DC  B 1 9  ? -4.939  5.249   6.875   1.00 32.42 ? 2021 DC  B P     1 
ATOM   406 O  OP1   . DC  B 1 9  ? -4.291  6.041   7.948   1.00 30.72 ? 2021 DC  B OP1   1 
ATOM   407 O  OP2   . DC  B 1 9  ? -6.354  4.818   7.004   1.00 34.62 ? 2021 DC  B OP2   1 
ATOM   408 O  "O5'" . DC  B 1 9  ? -4.928  6.114   5.518   1.00 25.06 ? 2021 DC  B "O5'" 1 
ATOM   409 C  "C5'" . DC  B 1 9  ? -3.704  6.571   4.959   1.00 26.85 ? 2021 DC  B "C5'" 1 
ATOM   410 C  "C4'" . DC  B 1 9  ? -3.925  7.235   3.619   1.00 19.82 ? 2021 DC  B "C4'" 1 
ATOM   411 O  "O4'" . DC  B 1 9  ? -4.242  6.240   2.616   1.00 20.59 ? 2021 DC  B "O4'" 1 
ATOM   412 C  "C3'" . DC  B 1 9  ? -5.076  8.238   3.573   1.00 22.75 ? 2021 DC  B "C3'" 1 
ATOM   413 O  "O3'" . DC  B 1 9  ? -4.526  9.535   3.369   1.00 24.29 ? 2021 DC  B "O3'" 1 
ATOM   414 C  "C2'" . DC  B 1 9  ? -5.975  7.781   2.449   1.00 19.31 ? 2021 DC  B "C2'" 1 
ATOM   415 C  "C1'" . DC  B 1 9  ? -5.068  6.893   1.618   1.00 23.88 ? 2021 DC  B "C1'" 1 
ATOM   416 N  N1    . DC  B 1 9  ? -5.522  5.712   0.984   1.00 28.50 ? 2021 DC  B N1    1 
ATOM   417 C  C2    . DC  B 1 9  ? -5.210  5.527   -0.370  1.00 25.64 ? 2021 DC  B C2    1 
ATOM   418 O  O2    . DC  B 1 9  ? -4.558  6.435   -0.909  1.00 23.08 ? 2021 DC  B O2    1 
ATOM   419 N  N3    . DC  B 1 9  ? -5.628  4.405   -1.001  1.00 21.57 ? 2021 DC  B N3    1 
ATOM   420 C  C4    . DC  B 1 9  ? -6.325  3.479   -0.334  1.00 18.31 ? 2021 DC  B C4    1 
ATOM   421 N  N4    . DC  B 1 9  ? -6.737  2.365   -0.969  1.00 16.83 ? 2021 DC  B N4    1 
ATOM   422 C  C5    . DC  B 1 9  ? -6.651  3.644   1.045   1.00 20.11 ? 2021 DC  B C5    1 
ATOM   423 C  C6    . DC  B 1 9  ? -6.234  4.754   1.659   1.00 29.94 ? 2021 DC  B C6    1 
ATOM   424 P  P     . DG  B 1 10 ? -5.373  10.860  3.625   1.00 22.44 ? 2022 DG  B P     1 
ATOM   425 O  OP1   . DG  B 1 10 ? -4.423  12.005  3.874   1.00 23.04 ? 2022 DG  B OP1   1 
ATOM   426 O  OP2   . DG  B 1 10 ? -6.442  10.627  4.617   1.00 26.90 ? 2022 DG  B OP2   1 
ATOM   427 O  "O5'" . DG  B 1 10 ? -6.047  11.133  2.199   1.00 24.40 ? 2022 DG  B "O5'" 1 
ATOM   428 C  "C5'" . DG  B 1 10 ? -5.141  11.325  1.103   1.00 28.66 ? 2022 DG  B "C5'" 1 
ATOM   429 C  "C4'" . DG  B 1 10 ? -5.894  11.326  -0.200  1.00 23.66 ? 2022 DG  B "C4'" 1 
ATOM   430 O  "O4'" . DG  B 1 10 ? -6.244  9.956   -0.537  1.00 21.49 ? 2022 DG  B "O4'" 1 
ATOM   431 C  "C3'" . DG  B 1 10 ? -7.208  12.091  -0.210  1.00 24.40 ? 2022 DG  B "C3'" 1 
ATOM   432 O  "O3'" . DG  B 1 10 ? -7.444  12.725  -1.446  1.00 23.10 ? 2022 DG  B "O3'" 1 
ATOM   433 C  "C2'" . DG  B 1 10 ? -8.235  11.001  0.048   1.00 22.96 ? 2022 DG  B "C2'" 1 
ATOM   434 C  "C1'" . DG  B 1 10 ? -7.632  9.930   -0.880  1.00 20.51 ? 2022 DG  B "C1'" 1 
ATOM   435 N  N9    . DG  B 1 10 ? -8.111  8.567   -0.724  1.00 20.84 ? 2022 DG  B N9    1 
ATOM   436 C  C8    . DG  B 1 10 ? -8.609  7.910   0.382   1.00 19.83 ? 2022 DG  B C8    1 
ATOM   437 N  N7    . DG  B 1 10 ? -8.939  6.675   0.113   1.00 20.96 ? 2022 DG  B N7    1 
ATOM   438 C  C5    . DG  B 1 10 ? -8.645  6.514   -1.227  1.00 18.26 ? 2022 DG  B C5    1 
ATOM   439 C  C6    . DG  B 1 10 ? -8.795  5.382   -2.063  1.00 17.29 ? 2022 DG  B C6    1 
ATOM   440 O  O6    . DG  B 1 10 ? -9.234  4.280   -1.739  1.00 20.36 ? 2022 DG  B O6    1 
ATOM   441 N  N1    . DG  B 1 10 ? -8.376  5.633   -3.369  1.00 14.27 ? 2022 DG  B N1    1 
ATOM   442 C  C2    . DG  B 1 10 ? -7.875  6.845   -3.789  1.00 18.86 ? 2022 DG  B C2    1 
ATOM   443 N  N2    . DG  B 1 10 ? -7.510  6.939   -5.082  1.00 20.88 ? 2022 DG  B N2    1 
ATOM   444 N  N3    . DG  B 1 10 ? -7.728  7.915   -3.023  1.00 18.21 ? 2022 DG  B N3    1 
ATOM   445 C  C4    . DG  B 1 10 ? -8.134  7.671   -1.759  1.00 19.55 ? 2022 DG  B C4    1 
ATOM   446 P  P     . DC  B 1 11 ? -7.982  14.237  -1.558  1.00 30.03 ? 2023 DC  B P     1 
ATOM   447 O  OP1   . DC  B 1 11 ? -6.872  15.123  -1.089  1.00 39.77 ? 2023 DC  B OP1   1 
ATOM   448 O  OP2   . DC  B 1 11 ? -9.320  14.328  -0.948  1.00 23.51 ? 2023 DC  B OP2   1 
ATOM   449 O  "O5'" . DC  B 1 11 ? -8.092  14.452  -3.139  1.00 28.43 ? 2023 DC  B "O5'" 1 
ATOM   450 C  "C5'" . DC  B 1 11 ? -7.034  14.004  -3.989  1.00 21.55 ? 2023 DC  B "C5'" 1 
ATOM   451 C  "C4'" . DC  B 1 11 ? -7.621  13.538  -5.305  1.00 25.13 ? 2023 DC  B "C4'" 1 
ATOM   452 O  "O4'" . DC  B 1 11 ? -7.960  12.137  -5.209  1.00 26.91 ? 2023 DC  B "O4'" 1 
ATOM   453 C  "C3'" . DC  B 1 11 ? -8.890  14.274  -5.713  1.00 20.70 ? 2023 DC  B "C3'" 1 
ATOM   454 O  "O3'" . DC  B 1 11 ? -8.812  14.711  -7.071  1.00 28.12 ? 2023 DC  B "O3'" 1 
ATOM   455 C  "C2'" . DC  B 1 11 ? -9.997  13.277  -5.518  1.00 26.49 ? 2023 DC  B "C2'" 1 
ATOM   456 C  "C1'" . DC  B 1 11 ? -9.291  11.933  -5.639  1.00 30.09 ? 2023 DC  B "C1'" 1 
ATOM   457 N  N1    . DC  B 1 11 ? -9.828  10.946  -4.767  1.00 25.22 ? 2023 DC  B N1    1 
ATOM   458 C  C2    . DC  B 1 11 ? -10.099 9.660   -5.212  1.00 18.85 ? 2023 DC  B C2    1 
ATOM   459 O  O2    . DC  B 1 11 ? -9.865  9.350   -6.395  1.00 18.28 ? 2023 DC  B O2    1 
ATOM   460 N  N3    . DC  B 1 11 ? -10.617 8.756   -4.340  1.00 21.75 ? 2023 DC  B N3    1 
ATOM   461 C  C4    . DC  B 1 11 ? -10.860 9.112   -3.082  1.00 22.19 ? 2023 DC  B C4    1 
ATOM   462 N  N4    . DC  B 1 11 ? -11.370 8.206   -2.238  1.00 17.99 ? 2023 DC  B N4    1 
ATOM   463 C  C5    . DC  B 1 11 ? -10.590 10.431  -2.610  1.00 18.71 ? 2023 DC  B C5    1 
ATOM   464 C  C6    . DC  B 1 11 ? -10.083 11.315  -3.467  1.00 24.56 ? 2023 DC  B C6    1 
ATOM   465 P  P     . DG  B 1 12 ? -10.033 15.575  -7.679  1.00 36.04 ? 2024 DG  B P     1 
ATOM   466 O  OP1   . DG  B 1 12 ? -9.504  16.523  -8.705  1.00 34.64 ? 2024 DG  B OP1   1 
ATOM   467 O  OP2   . DG  B 1 12 ? -10.918 16.078  -6.605  1.00 36.14 ? 2024 DG  B OP2   1 
ATOM   468 O  "O5'" . DG  B 1 12 ? -10.868 14.482  -8.489  1.00 27.58 ? 2024 DG  B "O5'" 1 
ATOM   469 C  "C5'" . DG  B 1 12 ? -10.289 13.898  -9.662  1.00 28.13 ? 2024 DG  B "C5'" 1 
ATOM   470 C  "C4'" . DG  B 1 12 ? -11.115 12.703  -10.061 1.00 24.72 ? 2024 DG  B "C4'" 1 
ATOM   471 O  "O4'" . DG  B 1 12 ? -11.075 11.683  -9.039  1.00 29.36 ? 2024 DG  B "O4'" 1 
ATOM   472 C  "C3'" . DG  B 1 12 ? -12.604 12.976  -10.237 1.00 30.89 ? 2024 DG  B "C3'" 1 
ATOM   473 O  "O3'" . DG  B 1 12 ? -12.884 13.549  -11.498 1.00 34.31 ? 2024 DG  B "O3'" 1 
ATOM   474 C  "C2'" . DG  B 1 12 ? -13.215 11.603  -10.083 1.00 28.77 ? 2024 DG  B "C2'" 1 
ATOM   475 C  "C1'" . DG  B 1 12 ? -12.291 10.932  -9.077  1.00 28.27 ? 2024 DG  B "C1'" 1 
ATOM   476 N  N9    . DG  B 1 12 ? -12.732 10.914  -7.677  1.00 20.00 ? 2024 DG  B N9    1 
ATOM   477 C  C8    . DG  B 1 12 ? -12.762 11.876  -6.711  1.00 14.68 ? 2024 DG  B C8    1 
ATOM   478 N  N7    . DG  B 1 12 ? -13.241 11.436  -5.568  1.00 18.96 ? 2024 DG  B N7    1 
ATOM   479 C  C5    . DG  B 1 12 ? -13.542 10.105  -5.808  1.00 22.41 ? 2024 DG  B C5    1 
ATOM   480 C  C6    . DG  B 1 12 ? -14.090 9.087   -4.972  1.00 22.92 ? 2024 DG  B C6    1 
ATOM   481 O  O6    . DG  B 1 12 ? -14.436 9.164   -3.786  1.00 21.50 ? 2024 DG  B O6    1 
ATOM   482 N  N1    . DG  B 1 12 ? -14.218 7.878   -5.651  1.00 22.74 ? 2024 DG  B N1    1 
ATOM   483 C  C2    . DG  B 1 12 ? -13.880 7.638   -6.955  1.00 20.63 ? 2024 DG  B C2    1 
ATOM   484 N  N2    . DG  B 1 12 ? -14.077 6.397   -7.449  1.00 16.10 ? 2024 DG  B N2    1 
ATOM   485 N  N3    . DG  B 1 12 ? -13.369 8.584   -7.740  1.00 20.97 ? 2024 DG  B N3    1 
ATOM   486 C  C4    . DG  B 1 12 ? -13.233 9.764   -7.105  1.00 21.68 ? 2024 DG  B C4    1 
HETATM 487 MG MG    . MG  C 2 .  ? -12.489 2.641   0.227   1.00 21.42 ? 4026 MG  A MG    1 
HETATM 488 C  C1    . CGQ D 3 .  ? 0.751   -3.546  6.314   1.00 34.90 ? 3025 CGQ B C1    1 
HETATM 489 C  C2    . CGQ D 3 .  ? 0.743   -2.535  5.352   1.00 32.78 ? 3025 CGQ B C2    1 
HETATM 490 C  C3    . CGQ D 3 .  ? 0.391   -1.241  5.722   1.00 31.56 ? 3025 CGQ B C3    1 
HETATM 491 C  C4    . CGQ D 3 .  ? -0.015  -0.962  7.022   1.00 41.78 ? 3025 CGQ B C4    1 
HETATM 492 C  C5    . CGQ D 3 .  ? -0.005  -1.975  7.984   1.00 46.26 ? 3025 CGQ B C5    1 
HETATM 493 C  C6    . CGQ D 3 .  ? 0.316   -3.274  7.598   1.00 43.07 ? 3025 CGQ B C6    1 
HETATM 494 C  C7    . CGQ D 3 .  ? 0.323   -0.205  4.716   1.00 27.32 ? 3025 CGQ B C7    1 
HETATM 495 N  N8    . CGQ D 3 .  ? 0.180   1.034   5.056   1.00 28.32 ? 3025 CGQ B N8    1 
HETATM 496 C  C9    . CGQ D 3 .  ? 1.160   -4.873  5.913   1.00 33.74 ? 3025 CGQ B C9    1 
HETATM 497 N  N10   . CGQ D 3 .  ? 1.912   -4.974  4.796   1.00 27.34 ? 3025 CGQ B N10   1 
HETATM 498 N  N11   . CGQ D 3 .  ? 0.825   -5.918  6.583   1.00 36.41 ? 3025 CGQ B N11   1 
HETATM 499 N  N12   . CGQ D 3 .  ? 0.123   1.986   4.061   1.00 33.34 ? 3025 CGQ B N12   1 
HETATM 500 C  C13   . CGQ D 3 .  ? -0.070  3.296   4.316   1.00 25.39 ? 3025 CGQ B C13   1 
HETATM 501 N  N15   . CGQ D 3 .  ? -0.088  3.791   5.655   1.00 31.55 ? 3025 CGQ B N15   1 
HETATM 502 N  N19   . CGQ D 3 .  ? -0.101  4.069   3.297   1.00 28.81 ? 3025 CGQ B N19   1 
HETATM 503 N  N20   . CGQ D 3 .  ? -0.174  5.387   3.330   1.00 38.60 ? 3025 CGQ B N20   1 
HETATM 504 C  C21   . CGQ D 3 .  ? -0.545  5.961   2.231   1.00 40.47 ? 3025 CGQ B C21   1 
HETATM 505 C  C22   A CGQ D 3 .  ? -0.617  7.403   2.116   0.50 44.42 ? 3025 CGQ B C22   1 
HETATM 506 C  C22   B CGQ D 3 .  ? -0.617  7.403   2.116   0.50 44.42 ? 3025 CGQ B C22   1 
HETATM 507 C  C23   A CGQ D 3 .  ? -0.458  8.226   3.211   0.50 42.49 ? 3025 CGQ B C23   1 
HETATM 508 C  C23   B CGQ D 3 .  ? -0.842  7.958   0.855   0.50 56.14 ? 3025 CGQ B C23   1 
HETATM 509 C  C24   A CGQ D 3 .  ? -0.545  9.614   3.038   0.50 54.77 ? 3025 CGQ B C24   1 
HETATM 510 C  C24   B CGQ D 3 .  ? -0.924  9.334   0.674   0.50 56.51 ? 3025 CGQ B C24   1 
HETATM 511 C  C25   A CGQ D 3 .  ? -0.750  10.157  1.774   0.50 52.99 ? 3025 CGQ B C25   1 
HETATM 512 C  C25   B CGQ D 3 .  ? -0.750  10.157  1.774   0.50 52.99 ? 3025 CGQ B C25   1 
HETATM 513 C  C26   A CGQ D 3 .  ? -0.924  9.334   0.674   0.50 56.51 ? 3025 CGQ B C26   1 
HETATM 514 C  C26   B CGQ D 3 .  ? -0.545  9.614   3.038   0.50 54.77 ? 3025 CGQ B C26   1 
HETATM 515 C  C27   A CGQ D 3 .  ? -0.842  7.958   0.855   0.50 56.14 ? 3025 CGQ B C27   1 
HETATM 516 C  C27   B CGQ D 3 .  ? -0.458  8.226   3.211   0.50 42.49 ? 3025 CGQ B C27   1 
HETATM 517 C  C28   A CGQ D 3 .  ? -1.219  9.857   -0.643  0.50 60.53 ? 3025 CGQ B C28   1 
HETATM 518 C  C28   B CGQ D 3 .  ? -0.382  10.481  4.185   0.50 65.02 ? 3025 CGQ B C28   1 
HETATM 519 N  N29   A CGQ D 3 .  ? -0.928  11.082  -0.956  0.50 63.32 ? 3025 CGQ B N29   1 
HETATM 520 N  N29   B CGQ D 3 .  ? 0.078   11.673  4.051   0.50 68.57 ? 3025 CGQ B N29   1 
HETATM 521 N  N30   A CGQ D 3 .  ? -1.819  9.048   -1.566  0.50 75.46 ? 3025 CGQ B N30   1 
HETATM 522 N  N30   B CGQ D 3 .  ? -0.700  10.015  5.426   0.50 72.95 ? 3025 CGQ B N30   1 
HETATM 523 O  O     . HOH E 4 .  ? 7.118   5.173   0.753   1.00 24.79 ? 8002 HOH A O     1 
HETATM 524 O  O     . HOH E 4 .  ? 5.400   5.474   -4.154  1.00 21.65 ? 8004 HOH A O     1 
HETATM 525 O  O     . HOH E 4 .  ? -13.883 -0.896  -1.913  1.00 23.78 ? 8009 HOH A O     1 
HETATM 526 O  O     . HOH E 4 .  ? 4.644   12.228  -6.538  1.00 35.37 ? 8010 HOH A O     1 
HETATM 527 O  O     . HOH E 4 .  ? 6.336   -10.382 4.155   1.00 33.87 ? 8011 HOH A O     1 
HETATM 528 O  O     . HOH E 4 .  ? -15.701 4.491   1.912   1.00 24.87 ? 8013 HOH A O     1 
HETATM 529 O  O     . HOH E 4 .  ? -0.661  -0.064  -6.469  1.00 37.08 ? 8014 HOH A O     1 
HETATM 530 O  O     . HOH E 4 .  ? -12.186 -1.484  -0.053  1.00 22.74 ? 8016 HOH A O     1 
HETATM 531 O  O     . HOH E 4 .  ? 1.085   11.445  -4.891  1.00 36.12 ? 8018 HOH A O     1 
HETATM 532 O  O     . HOH E 4 .  ? -9.660  -1.567  -0.323  1.00 37.50 ? 8019 HOH A O     1 
HETATM 533 O  O     . HOH E 4 .  ? 12.175  -9.123  9.793   1.00 36.29 ? 8020 HOH A O     1 
HETATM 534 O  O     . HOH E 4 .  ? -19.110 4.602   -3.660  1.00 30.08 ? 8021 HOH A O     1 
HETATM 535 O  O     . HOH E 4 .  ? -6.416  -0.468  -3.706  1.00 30.19 ? 8022 HOH A O     1 
HETATM 536 O  O     . HOH E 4 .  ? -8.935  -2.029  -7.382  1.00 42.77 ? 8025 HOH A O     1 
HETATM 537 O  O     . HOH E 4 .  ? 5.680   7.044   -7.911  1.00 42.43 ? 8028 HOH A O     1 
HETATM 538 O  O     . HOH E 4 .  ? -17.338 -6.782  -5.636  1.00 34.77 ? 8031 HOH A O     1 
HETATM 539 O  O     . HOH E 4 .  ? 3.160   2.064   -5.707  1.00 35.63 ? 8032 HOH A O     1 
HETATM 540 O  O     . HOH E 4 .  ? -13.253 -2.714  -12.252 1.00 30.99 ? 8034 HOH A O     1 
HETATM 541 O  O     . HOH E 4 .  ? 9.986   -0.484  4.610   1.00 33.64 ? 8035 HOH A O     1 
HETATM 542 O  O     . HOH E 4 .  ? -9.419  -0.855  -3.012  1.00 29.38 ? 8036 HOH A O     1 
HETATM 543 O  O     . HOH E 4 .  ? 8.203   3.463   5.084   1.00 31.06 ? 8037 HOH A O     1 
HETATM 544 O  O     . HOH E 4 .  ? 8.303   -6.845  11.430  1.00 35.35 ? 8038 HOH A O     1 
HETATM 545 O  O     . HOH E 4 .  ? -19.545 -1.821  -8.685  1.00 36.02 ? 8039 HOH A O     1 
HETATM 546 O  O     . HOH E 4 .  ? -10.614 -2.745  -4.798  1.00 42.33 ? 8040 HOH A O     1 
HETATM 547 O  O     . HOH E 4 .  ? -13.232 -1.428  -4.781  1.00 23.96 ? 8041 HOH A O     1 
HETATM 548 O  O     . HOH E 4 .  ? -20.670 3.837   -1.723  1.00 24.38 ? 8044 HOH A O     1 
HETATM 549 O  O     . HOH E 4 .  ? 10.778  -15.216 8.667   1.00 40.31 ? 8051 HOH A O     1 
HETATM 550 O  O     . HOH E 4 .  ? -3.219  7.378   -6.724  1.00 34.41 ? 8054 HOH A O     1 
HETATM 551 O  O     . HOH E 4 .  ? -16.481 -3.682  -9.866  1.00 60.17 ? 8056 HOH A O     1 
HETATM 552 O  O     . HOH E 4 .  ? 0.846   -15.537 8.841   1.00 40.70 ? 8057 HOH A O     1 
HETATM 553 O  O     . HOH E 4 .  ? 5.585   0.026   -4.072  1.00 31.76 ? 8058 HOH A O     1 
HETATM 554 O  O     . HOH E 4 .  ? -18.715 -2.644  -3.127  1.00 49.09 ? 8059 HOH A O     1 
HETATM 555 O  O     . HOH E 4 .  ? -13.716 6.587   0.640   1.00 31.96 ? 8060 HOH A O     1 
HETATM 556 O  O     . HOH E 4 .  ? -18.109 6.560   -1.907  1.00 35.72 ? 8065 HOH A O     1 
HETATM 557 O  O     . HOH E 4 .  ? -19.464 7.123   1.752   1.00 33.89 ? 8067 HOH A O     1 
HETATM 558 O  O     . HOH E 4 .  ? -12.392 -3.790  -8.079  1.00 38.71 ? 8068 HOH A O     1 
HETATM 559 O  O     . HOH E 4 .  ? 11.391  -0.025  1.941   1.00 46.60 ? 8071 HOH A O     1 
HETATM 560 O  O     . HOH E 4 .  ? 4.640   -12.532 11.808  1.00 35.46 ? 8075 HOH A O     1 
HETATM 561 O  O     . HOH E 4 .  ? 4.514   -8.746  4.916   1.00 35.78 ? 8078 HOH A O     1 
HETATM 562 O  O     . HOH E 4 .  ? -17.831 6.763   4.760   1.00 44.02 ? 8084 HOH A O     1 
HETATM 563 O  O     . HOH E 4 .  ? 3.112   -0.420  -5.322  1.00 51.79 ? 8085 HOH A O     1 
HETATM 564 O  O     . HOH E 4 .  ? -4.628  -0.977  -5.906  1.00 43.67 ? 8086 HOH A O     1 
HETATM 565 O  O     . HOH E 4 .  ? 4.846   -6.397  14.890  1.00 39.77 ? 8087 HOH A O     1 
HETATM 566 O  O     . HOH E 4 .  ? -14.275 -4.222  -9.843  1.00 46.02 ? 8088 HOH A O     1 
HETATM 567 O  O     . HOH E 4 .  ? -14.791 8.240   4.442   1.00 44.99 ? 8090 HOH A O     1 
HETATM 568 O  O     . HOH E 4 .  ? 8.440   -0.414  -0.854  1.00 45.87 ? 8091 HOH A O     1 
HETATM 569 O  O     . HOH E 4 .  ? 5.355   4.793   -8.649  1.00 50.91 ? 8094 HOH A O     1 
HETATM 570 O  O     . HOH E 4 .  ? -18.026 5.440   0.834   1.00 53.25 ? 8095 HOH A O     1 
HETATM 571 O  O     . HOH E 4 .  ? 1.345   -12.302 9.644   1.00 47.25 ? 8096 HOH A O     1 
HETATM 572 O  O     . HOH E 4 .  ? 5.378   2.815   11.591  1.00 53.01 ? 8097 HOH A O     1 
HETATM 573 O  O     . HOH E 4 .  ? -19.695 -4.797  -10.516 1.00 46.16 ? 8100 HOH A O     1 
HETATM 574 O  O     . HOH E 4 .  ? 1.860   1.468   -8.428  1.00 51.56 ? 8101 HOH A O     1 
HETATM 575 O  O     . HOH E 4 .  ? 9.885   -19.830 0.343   1.00 52.89 ? 8102 HOH A O     1 
HETATM 576 O  O     . HOH E 4 .  ? -7.797  -5.099  -7.480  1.00 51.90 ? 8105 HOH A O     1 
HETATM 577 O  O     . HOH E 4 .  ? 7.275   -9.673  13.005  1.00 55.67 ? 8109 HOH A O     1 
HETATM 578 O  O     . HOH E 4 .  ? 2.694   10.332  -9.060  1.00 56.69 ? 8110 HOH A O     1 
HETATM 579 O  O     . HOH E 4 .  ? -14.882 -4.526  -6.182  1.00 50.40 ? 8111 HOH A O     1 
HETATM 580 O  O     . HOH E 4 .  ? -12.866 1.761   -1.542  1.00 24.97 ? 8113 HOH A O     1 
HETATM 581 O  O     . HOH E 4 .  ? -14.489 2.674   0.581   1.00 20.84 ? 8114 HOH A O     1 
HETATM 582 O  O     . HOH E 4 .  ? -12.209 3.592   1.986   1.00 21.42 ? 8115 HOH A O     1 
HETATM 583 O  O     . HOH E 4 .  ? -12.343 0.832   1.120   1.00 19.41 ? 8116 HOH A O     1 
HETATM 584 O  O     . HOH E 4 .  ? -12.561 4.472   -0.633  1.00 25.42 ? 8117 HOH A O     1 
HETATM 585 O  O     . HOH F 4 .  ? -12.239 9.422   0.557   1.00 20.62 ? 8001 HOH B O     1 
HETATM 586 O  O     . HOH F 4 .  ? -8.787  9.592   3.481   1.00 24.86 ? 8003 HOH B O     1 
HETATM 587 O  O     . HOH F 4 .  ? -10.091 5.453   2.163   1.00 21.60 ? 8005 HOH B O     1 
HETATM 588 O  O     . HOH F 4 .  ? -6.650  9.422   6.965   1.00 24.03 ? 8006 HOH B O     1 
HETATM 589 O  O     . HOH F 4 .  ? -13.748 13.348  -3.717  1.00 48.00 ? 8007 HOH B O     1 
HETATM 590 O  O     . HOH F 4 .  ? -8.689  0.875   0.547   1.00 23.81 ? 8008 HOH B O     1 
HETATM 591 O  O     . HOH F 4 .  ? 14.522  -3.764  5.348   1.00 33.87 ? 8012 HOH B O     1 
HETATM 592 O  O     . HOH F 4 .  ? -5.974  10.120  -3.955  1.00 25.21 ? 8015 HOH B O     1 
HETATM 593 O  O     . HOH F 4 .  ? 1.633   11.645  -0.154  1.00 38.03 ? 8017 HOH B O     1 
HETATM 594 O  O     . HOH F 4 .  ? -8.509  4.008   3.862   1.00 34.13 ? 8023 HOH B O     1 
HETATM 595 O  O     . HOH F 4 .  ? -5.317  -5.057  1.304   1.00 36.00 ? 8024 HOH B O     1 
HETATM 596 O  O     . HOH F 4 .  ? -12.959 11.059  3.836   1.00 29.30 ? 8026 HOH B O     1 
HETATM 597 O  O     . HOH F 4 .  ? -17.087 9.273   -2.860  1.00 35.24 ? 8027 HOH B O     1 
HETATM 598 O  O     . HOH F 4 .  ? 14.727  -7.177  7.376   1.00 52.94 ? 8029 HOH B O     1 
HETATM 599 O  O     . HOH F 4 .  ? -0.214  1.558   8.263   1.00 44.61 ? 8030 HOH B O     1 
HETATM 600 O  O     . HOH F 4 .  ? 2.815   -7.227  4.215   1.00 35.60 ? 8033 HOH B O     1 
HETATM 601 O  O     . HOH F 4 .  ? -12.043 14.758  -13.337 1.00 33.23 ? 8042 HOH B O     1 
HETATM 602 O  O     . HOH F 4 .  ? -3.575  8.391   8.397   1.00 41.53 ? 8043 HOH B O     1 
HETATM 603 O  O     . HOH F 4 .  ? 2.235   10.794  2.195   1.00 39.78 ? 8045 HOH B O     1 
HETATM 604 O  O     . HOH F 4 .  ? -3.524  12.500  6.349   1.00 48.55 ? 8046 HOH B O     1 
HETATM 605 O  O     . HOH F 4 .  ? -2.248  9.013   -4.674  1.00 36.50 ? 8047 HOH B O     1 
HETATM 606 O  O     . HOH F 4 .  ? -10.577 11.024  2.591   1.00 36.62 ? 8048 HOH B O     1 
HETATM 607 O  O     . HOH F 4 .  ? -2.241  4.202   9.107   1.00 37.87 ? 8049 HOH B O     1 
HETATM 608 O  O     . HOH F 4 .  ? -16.221 14.584  -2.432  1.00 43.56 ? 8050 HOH B O     1 
HETATM 609 O  O     . HOH F 4 .  ? 4.686   -4.273  -4.444  1.00 48.44 ? 8052 HOH B O     1 
HETATM 610 O  O     . HOH F 4 .  ? -9.559  18.827  -9.244  1.00 37.28 ? 8053 HOH B O     1 
HETATM 611 O  O     . HOH F 4 .  ? 7.489   -0.202  -7.371  1.00 44.57 ? 8055 HOH B O     1 
HETATM 612 O  O     . HOH F 4 .  ? -7.069  -4.416  6.426   1.00 30.07 ? 8061 HOH B O     1 
HETATM 613 O  O     . HOH F 4 .  ? -14.702 10.918  -1.983  1.00 33.38 ? 8062 HOH B O     1 
HETATM 614 O  O     . HOH F 4 .  ? 18.879  -1.470  -1.613  1.00 33.92 ? 8063 HOH B O     1 
HETATM 615 O  O     . HOH F 4 .  ? -10.430 16.574  -2.793  1.00 46.11 ? 8064 HOH B O     1 
HETATM 616 O  O     . HOH F 4 .  ? 18.378  0.111   3.297   1.00 34.79 ? 8066 HOH B O     1 
HETATM 617 O  O     . HOH F 4 .  ? -1.530  -8.202  -1.517  1.00 37.36 ? 8069 HOH B O     1 
HETATM 618 O  O     . HOH F 4 .  ? 21.376  -6.241  9.026   1.00 40.32 ? 8070 HOH B O     1 
HETATM 619 O  O     . HOH F 4 .  ? -14.628 17.126  0.880   1.00 36.04 ? 8072 HOH B O     1 
HETATM 620 O  O     . HOH F 4 .  ? -3.212  9.305   10.474  1.00 27.19 ? 8073 HOH B O     1 
HETATM 621 O  O     . HOH F 4 .  ? -12.751 15.642  -5.291  1.00 45.24 ? 8074 HOH B O     1 
HETATM 622 O  O     . HOH F 4 .  ? 2.136   -3.112  -4.820  1.00 37.46 ? 8076 HOH B O     1 
HETATM 623 O  O     . HOH F 4 .  ? -14.270 19.824  -0.378  1.00 45.72 ? 8077 HOH B O     1 
HETATM 624 O  O     . HOH F 4 .  ? -5.195  -10.009 7.853   1.00 53.99 ? 8079 HOH B O     1 
HETATM 625 O  O     . HOH F 4 .  ? -1.409  15.150  5.672   1.00 38.63 ? 8080 HOH B O     1 
HETATM 626 O  O     . HOH F 4 .  ? 15.464  -1.491  1.309   1.00 42.13 ? 8081 HOH B O     1 
HETATM 627 O  O     . HOH F 4 .  ? 7.947   -3.202  -6.049  1.00 40.16 ? 8082 HOH B O     1 
HETATM 628 O  O     . HOH F 4 .  ? 17.072  -1.405  5.059   1.00 46.67 ? 8083 HOH B O     1 
HETATM 629 O  O     . HOH F 4 .  ? 16.045  -1.049  -2.178  1.00 47.05 ? 8089 HOH B O     1 
HETATM 630 O  O     . HOH F 4 .  ? -5.426  14.513  2.708   1.00 46.85 ? 8092 HOH B O     1 
HETATM 631 O  O     . HOH F 4 .  ? 19.845  -3.487  -3.736  1.00 46.67 ? 8093 HOH B O     1 
HETATM 632 O  O     . HOH F 4 .  ? -2.792  2.096   10.171  1.00 52.01 ? 8098 HOH B O     1 
HETATM 633 O  O     . HOH F 4 .  ? -2.104  13.346  0.121   1.00 45.66 ? 8099 HOH B O     1 
HETATM 634 O  O     . HOH F 4 .  ? 2.042   14.854  3.196   1.00 53.50 ? 8103 HOH B O     1 
HETATM 635 O  O     . HOH F 4 .  ? -11.813 13.080  -1.180  1.00 45.80 ? 8104 HOH B O     1 
HETATM 636 O  O     . HOH F 4 .  ? 16.126  -3.400  -6.921  1.00 52.38 ? 8106 HOH B O     1 
HETATM 637 O  O     . HOH F 4 .  ? -2.628  -2.161  9.626   1.00 53.99 ? 8107 HOH B O     1 
HETATM 638 O  O     . HOH F 4 .  ? -5.783  1.237   9.157   1.00 53.78 ? 8108 HOH B O     1 
HETATM 639 O  O     . HOH F 4 .  ? -10.504 2.605   -0.138  1.00 22.37 ? 8112 HOH B O     1 
# 
